data_3GK3
#
_entry.id   3GK3
#
_cell.length_a   70.570
_cell.length_b   102.920
_cell.length_c   137.240
_cell.angle_alpha   90.000
_cell.angle_beta   90.000
_cell.angle_gamma   90.000
#
_symmetry.space_group_name_H-M   'P 21 21 21'
#
loop_
_entity.id
_entity.type
_entity.pdbx_description
1 polymer 'Acetoacetyl-CoA reductase'
2 non-polymer 'PHOSPHATE ION'
3 water water
#
_entity_poly.entity_id   1
_entity_poly.type   'polypeptide(L)'
_entity_poly.pdbx_seq_one_letter_code
;MAHHHHHHMGTLEAQTQGPGSMQAKRVAFVTGGMGGLGAAISRRLHDAGMAVAVSHSERNDHVSTWLMHERDAGRDFKAY
AVDVADFESCERCAEKVLADFGKVDVLINNAGITRDATFMKMTKGDWDAVMRTDLDAMFNVTKQFIAGMVERRFGRIVNI
GSVNGSRGAFGQANYASAKAGIHGFTKTLALETAKRGITVNTVSPGYLATAMVEAVPQDVLEAKILPQIPVGRLGRPDEV
AALIAFLCSDDAGFVTGADLAINGGMHMS
;
_entity_poly.pdbx_strand_id   A,B,C,D
#
loop_
_chem_comp.id
_chem_comp.type
_chem_comp.name
_chem_comp.formula
PO4 non-polymer 'PHOSPHATE ION' 'O4 P -3'
#
# COMPACT_ATOMS: atom_id res chain seq x y z
N ALA A 24 -32.99 23.11 0.64
CA ALA A 24 -32.83 21.65 0.52
C ALA A 24 -31.46 21.25 1.07
N LYS A 25 -31.34 21.32 2.39
CA LYS A 25 -30.10 21.12 3.11
C LYS A 25 -29.68 19.64 3.12
N ARG A 26 -28.37 19.39 3.12
CA ARG A 26 -27.85 18.03 3.26
C ARG A 26 -27.76 17.53 4.69
N VAL A 27 -28.16 16.28 4.88
CA VAL A 27 -28.25 15.69 6.21
C VAL A 27 -27.12 14.71 6.49
N ALA A 28 -26.41 14.90 7.61
CA ALA A 28 -25.34 14.01 7.99
C ALA A 28 -25.70 13.27 9.27
N PHE A 29 -25.27 12.00 9.38
CA PHE A 29 -25.47 11.24 10.58
C PHE A 29 -24.11 10.71 11.04
N VAL A 30 -23.72 11.06 12.24
CA VAL A 30 -22.39 10.75 12.75
C VAL A 30 -22.61 9.83 13.92
N THR A 31 -22.15 8.61 13.81
CA THR A 31 -22.28 7.67 14.92
C THR A 31 -21.17 8.00 15.89
N GLY A 32 -21.40 7.84 17.20
CA GLY A 32 -20.42 8.23 18.19
C GLY A 32 -20.25 9.74 18.10
N GLY A 33 -21.32 10.38 17.64
CA GLY A 33 -21.28 11.79 17.38
C GLY A 33 -21.05 12.72 18.58
N MET A 34 -20.67 12.19 19.75
CA MET A 34 -20.46 12.97 20.94
C MET A 34 -19.09 12.65 21.55
N GLY A 35 -18.32 11.77 20.91
CA GLY A 35 -16.95 11.52 21.33
C GLY A 35 -16.00 12.65 20.92
N GLY A 36 -14.80 12.68 21.47
CA GLY A 36 -13.80 13.64 21.04
C GLY A 36 -13.89 13.80 19.52
N LEU A 37 -13.61 12.74 18.77
CA LEU A 37 -13.60 12.86 17.30
C LEU A 37 -15.00 13.03 16.74
N GLY A 38 -15.92 12.19 17.19
CA GLY A 38 -17.28 12.29 16.75
C GLY A 38 -17.79 13.73 16.90
N ALA A 39 -17.71 14.31 18.10
CA ALA A 39 -18.19 15.68 18.29
C ALA A 39 -17.48 16.67 17.35
N ALA A 40 -16.15 16.57 17.21
CA ALA A 40 -15.43 17.48 16.29
C ALA A 40 -16.05 17.44 14.88
N ILE A 41 -16.40 16.23 14.47
CA ILE A 41 -16.93 16.03 13.13
C ILE A 41 -18.30 16.70 12.97
N SER A 42 -19.16 16.45 13.94
CA SER A 42 -20.51 17.00 13.88
C SER A 42 -20.49 18.55 13.80
N ARG A 43 -19.58 19.15 14.57
CA ARG A 43 -19.48 20.61 14.56
C ARG A 43 -19.05 21.07 13.19
N ARG A 44 -18.05 20.39 12.60
CA ARG A 44 -17.53 20.78 11.29
C ARG A 44 -18.57 20.67 10.19
N LEU A 45 -19.40 19.65 10.27
CA LEU A 45 -20.40 19.38 9.26
C LEU A 45 -21.56 20.37 9.34
N HIS A 46 -21.97 20.65 10.57
CA HIS A 46 -22.99 21.65 10.84
C HIS A 46 -22.52 23.01 10.28
N ASP A 47 -21.31 23.44 10.67
CA ASP A 47 -20.77 24.71 10.21
C ASP A 47 -20.57 24.73 8.70
N ALA A 48 -20.69 23.58 8.03
CA ALA A 48 -20.58 23.55 6.59
C ALA A 48 -21.97 23.72 5.93
N GLY A 49 -23.02 23.58 6.74
CA GLY A 49 -24.38 23.92 6.33
C GLY A 49 -25.31 22.72 6.42
N MET A 50 -24.79 21.64 6.96
CA MET A 50 -25.52 20.39 7.03
C MET A 50 -26.38 20.34 8.29
N ALA A 51 -27.61 19.85 8.15
CA ALA A 51 -28.34 19.38 9.31
C ALA A 51 -27.63 18.14 9.84
N VAL A 52 -27.41 18.04 11.15
CA VAL A 52 -26.60 16.95 11.68
C VAL A 52 -27.27 16.14 12.78
N ALA A 53 -27.37 14.82 12.59
CA ALA A 53 -27.83 13.94 13.63
C ALA A 53 -26.68 13.12 14.14
N VAL A 54 -26.76 12.74 15.39
CA VAL A 54 -25.65 12.13 16.10
C VAL A 54 -26.19 10.92 16.86
N SER A 55 -25.35 9.91 16.97
CA SER A 55 -25.80 8.65 17.53
C SER A 55 -24.98 8.53 18.78
N HIS A 56 -25.48 7.77 19.75
CA HIS A 56 -24.73 7.58 20.98
C HIS A 56 -25.27 6.39 21.67
N SER A 57 -24.55 5.91 22.67
CA SER A 57 -25.14 5.00 23.65
C SER A 57 -24.91 5.49 25.12
N GLU A 58 -25.19 6.77 25.37
CA GLU A 58 -25.05 7.40 26.73
C GLU A 58 -26.41 7.74 27.41
N ARG A 59 -26.41 7.89 28.74
CA ARG A 59 -27.67 8.19 29.45
C ARG A 59 -28.15 9.59 29.12
N ASN A 60 -29.47 9.75 29.14
CA ASN A 60 -30.14 11.02 28.81
C ASN A 60 -29.51 12.30 29.46
N ASP A 61 -29.04 12.15 30.72
CA ASP A 61 -28.32 13.21 31.45
C ASP A 61 -27.23 13.73 30.56
N HIS A 62 -26.27 12.83 30.29
CA HIS A 62 -25.11 13.19 29.50
C HIS A 62 -25.56 13.81 28.18
N VAL A 63 -26.49 13.17 27.50
CA VAL A 63 -26.88 13.58 26.16
C VAL A 63 -27.50 14.96 26.12
N SER A 64 -28.45 15.22 27.03
CA SER A 64 -29.20 16.47 26.99
C SER A 64 -28.24 17.62 27.30
N THR A 65 -27.31 17.39 28.22
CA THR A 65 -26.32 18.41 28.55
C THR A 65 -25.40 18.70 27.37
N TRP A 66 -25.00 17.63 26.66
CA TRP A 66 -24.10 17.78 25.53
C TRP A 66 -24.85 18.67 24.56
N LEU A 67 -26.09 18.29 24.29
CA LEU A 67 -26.97 19.06 23.43
C LEU A 67 -27.07 20.55 23.84
N MET A 68 -27.00 20.83 25.14
CA MET A 68 -27.26 22.16 25.68
C MET A 68 -26.09 23.09 25.39
N HIS A 69 -24.91 22.65 25.79
CA HIS A 69 -23.68 23.35 25.45
C HIS A 69 -23.51 23.60 23.96
N GLU A 70 -23.93 22.65 23.13
CA GLU A 70 -23.83 22.82 21.69
C GLU A 70 -24.77 23.93 21.27
N ARG A 71 -25.94 23.95 21.90
CA ARG A 71 -26.97 24.91 21.55
C ARG A 71 -26.56 26.26 22.12
N ASP A 72 -25.76 26.25 23.19
CA ASP A 72 -25.14 27.48 23.73
C ASP A 72 -24.16 28.02 22.76
N ALA A 73 -23.72 27.19 21.84
CA ALA A 73 -22.63 27.59 20.94
C ALA A 73 -23.22 27.96 19.61
N GLY A 74 -24.53 27.78 19.48
CA GLY A 74 -25.23 28.16 18.26
C GLY A 74 -25.31 27.02 17.27
N ARG A 75 -25.29 25.79 17.78
CA ARG A 75 -25.51 24.58 17.01
C ARG A 75 -26.65 23.72 17.59
N ASP A 76 -27.65 23.48 16.74
CA ASP A 76 -28.75 22.57 17.06
C ASP A 76 -28.49 21.16 16.50
N PHE A 77 -28.21 20.17 17.35
CA PHE A 77 -28.15 18.76 16.90
C PHE A 77 -29.40 17.99 17.37
N LYS A 78 -29.74 16.92 16.68
CA LYS A 78 -30.61 15.88 17.24
C LYS A 78 -29.77 14.63 17.51
N ALA A 79 -29.99 14.02 18.65
CA ALA A 79 -29.23 12.87 19.11
C ALA A 79 -30.15 11.66 19.13
N TYR A 80 -29.56 10.46 19.03
CA TYR A 80 -30.30 9.20 18.87
C TYR A 80 -29.54 8.07 19.54
N ALA A 81 -30.21 7.26 20.34
CA ALA A 81 -29.60 6.04 20.85
C ALA A 81 -29.53 4.98 19.74
N VAL A 82 -28.44 4.24 19.78
CA VAL A 82 -28.19 3.08 18.93
C VAL A 82 -27.12 2.21 19.57
N ASP A 83 -27.19 0.92 19.30
CA ASP A 83 -26.06 0.03 19.52
C ASP A 83 -25.59 -0.41 18.13
N VAL A 84 -24.53 0.23 17.61
CA VAL A 84 -24.03 -0.05 16.26
C VAL A 84 -23.64 -1.54 16.04
N ALA A 85 -23.37 -2.29 17.12
CA ALA A 85 -23.14 -3.74 17.03
C ALA A 85 -24.41 -4.59 16.87
N ASP A 86 -25.58 -3.94 16.74
CA ASP A 86 -26.87 -4.63 16.73
C ASP A 86 -27.72 -4.18 15.56
N PHE A 87 -27.98 -5.09 14.63
CA PHE A 87 -28.62 -4.74 13.39
C PHE A 87 -30.01 -4.12 13.63
N GLU A 88 -30.81 -4.74 14.49
CA GLU A 88 -32.17 -4.24 14.76
C GLU A 88 -32.14 -2.86 15.37
N SER A 89 -31.23 -2.69 16.31
CA SER A 89 -31.04 -1.41 16.97
C SER A 89 -30.81 -0.34 15.93
N CYS A 90 -29.95 -0.67 14.95
CA CYS A 90 -29.56 0.31 13.96
C CYS A 90 -30.76 0.61 13.12
N GLU A 91 -31.56 -0.41 12.91
CA GLU A 91 -32.74 -0.24 12.11
C GLU A 91 -33.77 0.69 12.78
N ARG A 92 -33.86 0.57 14.09
CA ARG A 92 -34.75 1.40 14.91
C ARG A 92 -34.24 2.83 14.91
N CYS A 93 -32.91 2.96 15.09
CA CYS A 93 -32.34 4.27 15.27
C CYS A 93 -32.58 5.00 13.96
N ALA A 94 -32.44 4.28 12.86
CA ALA A 94 -32.45 4.91 11.55
C ALA A 94 -33.84 5.40 11.14
N GLU A 95 -34.89 4.67 11.50
CA GLU A 95 -36.25 5.16 11.25
C GLU A 95 -36.49 6.50 11.89
N LYS A 96 -36.03 6.64 13.13
CA LYS A 96 -36.18 7.88 13.86
C LYS A 96 -35.48 8.98 13.14
N VAL A 97 -34.22 8.72 12.73
CA VAL A 97 -33.43 9.76 12.10
C VAL A 97 -34.20 10.21 10.89
N LEU A 98 -34.70 9.24 10.16
CA LEU A 98 -35.27 9.44 8.83
C LEU A 98 -36.62 10.11 8.91
N ALA A 99 -37.42 9.71 9.92
CA ALA A 99 -38.68 10.37 10.22
C ALA A 99 -38.38 11.83 10.54
N ASP A 100 -37.32 12.08 11.31
CA ASP A 100 -37.01 13.45 11.65
C ASP A 100 -36.49 14.20 10.44
N PHE A 101 -35.42 13.72 9.78
CA PHE A 101 -34.76 14.60 8.82
C PHE A 101 -35.17 14.29 7.41
N GLY A 102 -35.96 13.24 7.22
CA GLY A 102 -36.40 12.86 5.90
C GLY A 102 -35.39 12.09 5.05
N LYS A 103 -34.09 12.33 5.24
CA LYS A 103 -33.09 11.52 4.54
C LYS A 103 -31.73 11.61 5.20
N VAL A 104 -30.79 10.79 4.71
CA VAL A 104 -29.39 10.89 5.11
C VAL A 104 -28.40 10.89 3.92
N ASP A 105 -27.82 12.05 3.65
CA ASP A 105 -26.93 12.27 2.51
C ASP A 105 -25.49 11.90 2.79
N VAL A 106 -25.07 11.99 4.04
CA VAL A 106 -23.70 11.85 4.44
C VAL A 106 -23.70 10.94 5.67
N LEU A 107 -22.96 9.84 5.63
CA LEU A 107 -22.85 8.98 6.79
C LEU A 107 -21.42 8.83 7.25
N ILE A 108 -21.16 9.07 8.52
CA ILE A 108 -19.81 9.02 9.07
C ILE A 108 -19.78 7.89 10.09
N ASN A 109 -19.23 6.74 9.72
CA ASN A 109 -19.16 5.64 10.66
C ASN A 109 -17.99 5.84 11.57
N ASN A 110 -18.25 6.48 12.68
CA ASN A 110 -17.22 6.86 13.60
C ASN A 110 -17.23 6.03 14.89
N ALA A 111 -18.42 5.65 15.37
CA ALA A 111 -18.53 4.88 16.63
C ALA A 111 -17.55 3.71 16.70
N GLY A 112 -17.09 3.41 17.91
CA GLY A 112 -16.04 2.42 18.05
C GLY A 112 -15.53 2.23 19.45
N ILE A 113 -14.83 1.11 19.68
CA ILE A 113 -14.19 0.88 20.97
C ILE A 113 -12.93 0.09 20.88
N THR A 114 -12.31 -0.10 22.04
CA THR A 114 -11.12 -0.89 22.18
C THR A 114 -11.28 -1.77 23.39
N ARG A 115 -10.58 -2.90 23.32
CA ARG A 115 -10.39 -3.80 24.43
C ARG A 115 -8.98 -4.38 24.27
N ASP A 116 -7.98 -3.54 24.58
CA ASP A 116 -6.60 -3.92 24.38
C ASP A 116 -6.21 -5.11 25.24
N ALA A 117 -5.43 -6.00 24.68
CA ALA A 117 -4.66 -7.01 25.42
C ALA A 117 -3.63 -7.58 24.47
N THR A 118 -2.53 -8.08 25.01
CA THR A 118 -1.65 -8.96 24.24
C THR A 118 -2.49 -10.12 23.71
N PHE A 119 -2.10 -10.65 22.55
CA PHE A 119 -2.80 -11.83 22.00
C PHE A 119 -2.79 -12.97 23.01
N MET A 120 -1.66 -13.23 23.64
CA MET A 120 -1.60 -14.27 24.66
C MET A 120 -2.75 -14.08 25.69
N LYS A 121 -2.97 -12.84 26.12
CA LYS A 121 -3.95 -12.57 27.19
C LYS A 121 -5.40 -12.29 26.74
N MET A 122 -5.61 -11.73 25.55
CA MET A 122 -6.95 -11.41 25.07
C MET A 122 -7.91 -12.60 25.19
N THR A 123 -9.15 -12.30 25.59
CA THR A 123 -10.22 -13.31 25.71
C THR A 123 -11.13 -13.29 24.47
N LYS A 124 -11.94 -14.33 24.28
CA LYS A 124 -12.89 -14.31 23.19
C LYS A 124 -13.76 -13.06 23.29
N GLY A 125 -14.13 -12.69 24.52
CA GLY A 125 -14.99 -11.52 24.71
C GLY A 125 -14.33 -10.23 24.30
N ASP A 126 -13.06 -10.06 24.66
CA ASP A 126 -12.27 -8.95 24.15
C ASP A 126 -12.39 -8.88 22.63
N TRP A 127 -12.16 -10.03 22.00
CA TRP A 127 -12.17 -10.16 20.52
C TRP A 127 -13.54 -9.76 19.96
N ASP A 128 -14.58 -10.36 20.51
CA ASP A 128 -15.91 -10.23 19.96
C ASP A 128 -16.45 -8.80 20.14
N ALA A 129 -16.19 -8.21 21.28
CA ALA A 129 -16.72 -6.89 21.55
C ALA A 129 -16.13 -5.90 20.50
N VAL A 130 -14.83 -6.00 20.26
CA VAL A 130 -14.23 -5.11 19.21
C VAL A 130 -14.75 -5.40 17.74
N MET A 131 -14.73 -6.68 17.33
CA MET A 131 -15.21 -7.03 15.99
C MET A 131 -16.70 -6.74 15.76
N ARG A 132 -17.58 -7.14 16.69
CA ARG A 132 -19.01 -6.96 16.50
C ARG A 132 -19.37 -5.47 16.46
N THR A 133 -18.60 -4.63 17.16
CA THR A 133 -18.91 -3.22 17.25
C THR A 133 -18.26 -2.41 16.12
N ASP A 134 -16.94 -2.53 16.01
CA ASP A 134 -16.17 -1.65 15.12
C ASP A 134 -16.30 -2.04 13.63
N LEU A 135 -16.30 -3.34 13.34
CA LEU A 135 -16.34 -3.80 11.95
C LEU A 135 -17.74 -4.11 11.49
N ASP A 136 -18.51 -4.87 12.27
CA ASP A 136 -19.91 -5.08 11.93
C ASP A 136 -20.74 -3.79 11.76
N ALA A 137 -20.35 -2.69 12.43
CA ALA A 137 -21.02 -1.40 12.24
C ALA A 137 -21.08 -1.01 10.76
N MET A 138 -20.01 -1.30 10.00
CA MET A 138 -20.07 -1.10 8.54
C MET A 138 -21.36 -1.65 7.90
N PHE A 139 -21.70 -2.87 8.27
CA PHE A 139 -22.92 -3.49 7.73
C PHE A 139 -24.15 -2.95 8.47
N ASN A 140 -24.14 -3.07 9.79
CA ASN A 140 -25.29 -2.70 10.68
C ASN A 140 -25.86 -1.30 10.46
N VAL A 141 -24.97 -0.33 10.38
CA VAL A 141 -25.36 1.05 10.12
C VAL A 141 -25.58 1.38 8.67
N THR A 142 -24.57 1.10 7.83
CA THR A 142 -24.66 1.49 6.44
C THR A 142 -25.82 0.81 5.71
N LYS A 143 -26.13 -0.43 6.07
CA LYS A 143 -27.34 -1.04 5.47
C LYS A 143 -28.59 -0.12 5.62
N GLN A 144 -28.68 0.63 6.72
CA GLN A 144 -29.91 1.38 6.98
C GLN A 144 -30.02 2.64 6.10
N PHE A 145 -28.89 3.17 5.58
CA PHE A 145 -28.92 4.40 4.79
C PHE A 145 -28.50 4.24 3.32
N ILE A 146 -27.86 3.13 2.96
CA ILE A 146 -27.37 2.95 1.58
C ILE A 146 -28.45 3.09 0.49
N ALA A 147 -29.63 2.55 0.73
CA ALA A 147 -30.68 2.58 -0.28
C ALA A 147 -31.08 4.02 -0.64
N GLY A 148 -31.09 4.88 0.36
CA GLY A 148 -31.52 6.26 0.17
C GLY A 148 -30.57 6.94 -0.80
N MET A 149 -29.29 6.83 -0.49
CA MET A 149 -28.23 7.47 -1.29
C MET A 149 -28.28 7.03 -2.75
N VAL A 150 -28.55 5.76 -2.94
CA VAL A 150 -28.58 5.15 -4.27
C VAL A 150 -29.75 5.69 -5.07
N GLU A 151 -30.94 5.80 -4.47
CA GLU A 151 -32.11 6.22 -5.20
C GLU A 151 -31.95 7.66 -5.59
N ARG A 152 -31.33 8.43 -4.71
CA ARG A 152 -31.16 9.85 -4.90
C ARG A 152 -29.94 10.20 -5.79
N ARG A 153 -29.06 9.23 -6.11
CA ARG A 153 -27.80 9.44 -6.89
C ARG A 153 -26.85 10.49 -6.28
N PHE A 154 -26.65 10.39 -4.97
CA PHE A 154 -25.70 11.21 -4.22
C PHE A 154 -25.55 10.67 -2.82
N GLY A 155 -24.30 10.51 -2.39
CA GLY A 155 -23.98 10.11 -1.03
C GLY A 155 -22.53 10.37 -0.66
N ARG A 156 -22.28 10.40 0.63
CA ARG A 156 -20.92 10.39 1.10
C ARG A 156 -20.89 9.46 2.28
N ILE A 157 -20.01 8.49 2.26
CA ILE A 157 -19.83 7.59 3.39
C ILE A 157 -18.36 7.69 3.73
N VAL A 158 -18.07 8.08 4.97
CA VAL A 158 -16.72 8.08 5.48
C VAL A 158 -16.65 7.12 6.62
N ASN A 159 -15.75 6.16 6.52
CA ASN A 159 -15.60 5.12 7.50
C ASN A 159 -14.33 5.44 8.27
N ILE A 160 -14.40 5.58 9.59
CA ILE A 160 -13.19 5.91 10.32
C ILE A 160 -12.36 4.67 10.69
N GLY A 161 -11.18 4.58 10.07
CA GLY A 161 -10.20 3.54 10.34
C GLY A 161 -9.24 3.93 11.45
N SER A 162 -7.98 3.54 11.34
CA SER A 162 -7.00 3.89 12.35
C SER A 162 -5.61 3.66 11.78
N VAL A 163 -4.70 4.61 12.00
CA VAL A 163 -3.29 4.35 11.83
C VAL A 163 -2.90 2.95 12.38
N ASN A 164 -3.56 2.48 13.43
CA ASN A 164 -3.27 1.13 13.92
C ASN A 164 -3.76 0.02 12.97
N GLY A 165 -4.71 0.35 12.12
CA GLY A 165 -5.09 -0.48 11.00
C GLY A 165 -3.87 -0.71 10.06
N SER A 166 -3.21 0.38 9.69
CA SER A 166 -2.08 0.31 8.78
C SER A 166 -0.83 -0.36 9.31
N ARG A 167 -0.42 -0.04 10.52
CA ARG A 167 0.84 -0.58 11.01
C ARG A 167 0.70 -1.77 11.98
N GLY A 168 -0.52 -2.14 12.38
CA GLY A 168 -0.63 -3.04 13.52
C GLY A 168 -0.17 -2.31 14.81
N ALA A 169 -0.77 -2.66 15.94
CA ALA A 169 -0.40 -2.09 17.19
C ALA A 169 -0.33 -3.19 18.23
N PHE A 170 0.77 -3.20 18.96
CA PHE A 170 0.90 -4.07 20.09
C PHE A 170 -0.34 -3.98 20.98
N GLY A 171 -0.76 -5.10 21.52
CA GLY A 171 -1.95 -5.13 22.37
C GLY A 171 -3.29 -4.99 21.66
N GLN A 172 -3.31 -4.70 20.37
CA GLN A 172 -4.59 -4.51 19.70
C GLN A 172 -4.87 -5.44 18.52
N ALA A 173 -4.71 -6.76 18.70
CA ALA A 173 -4.96 -7.67 17.58
C ALA A 173 -6.41 -7.61 17.10
N ASN A 174 -7.36 -7.44 18.03
CA ASN A 174 -8.74 -7.20 17.65
C ASN A 174 -8.96 -5.88 16.90
N TYR A 175 -8.54 -4.77 17.51
CA TYR A 175 -8.87 -3.45 16.97
C TYR A 175 -8.14 -3.22 15.62
N ALA A 176 -6.86 -3.64 15.52
CA ALA A 176 -6.14 -3.62 14.22
C ALA A 176 -6.92 -4.40 13.16
N SER A 177 -7.46 -5.57 13.51
CA SER A 177 -8.15 -6.40 12.49
C SER A 177 -9.42 -5.73 12.01
N ALA A 178 -10.21 -5.24 12.97
CA ALA A 178 -11.42 -4.44 12.72
C ALA A 178 -11.10 -3.24 11.84
N LYS A 179 -10.16 -2.42 12.30
CA LYS A 179 -9.77 -1.23 11.53
C LYS A 179 -9.18 -1.57 10.12
N ALA A 180 -8.34 -2.61 10.02
CA ALA A 180 -7.91 -3.08 8.66
C ALA A 180 -9.10 -3.57 7.84
N GLY A 181 -9.99 -4.33 8.50
CA GLY A 181 -11.15 -4.85 7.82
C GLY A 181 -11.93 -3.72 7.20
N ILE A 182 -11.95 -2.57 7.87
CA ILE A 182 -12.80 -1.45 7.41
C ILE A 182 -12.43 -0.91 6.05
N HIS A 183 -11.16 -0.96 5.67
CA HIS A 183 -10.83 -0.46 4.34
C HIS A 183 -11.28 -1.44 3.23
N GLY A 184 -11.27 -2.73 3.57
CA GLY A 184 -11.79 -3.78 2.69
C GLY A 184 -13.21 -3.45 2.33
N PHE A 185 -13.98 -3.06 3.36
CA PHE A 185 -15.35 -2.62 3.17
C PHE A 185 -15.45 -1.36 2.34
N THR A 186 -14.57 -0.40 2.62
CA THR A 186 -14.57 0.86 1.88
C THR A 186 -14.39 0.66 0.41
N LYS A 187 -13.35 -0.12 0.04
CA LYS A 187 -13.02 -0.37 -1.36
C LYS A 187 -14.15 -1.07 -2.13
N THR A 188 -14.74 -2.14 -1.55
CA THR A 188 -15.87 -2.84 -2.16
C THR A 188 -17.10 -1.93 -2.35
N LEU A 189 -17.52 -1.25 -1.31
CA LEU A 189 -18.69 -0.39 -1.45
C LEU A 189 -18.38 0.81 -2.36
N ALA A 190 -17.13 1.28 -2.40
CA ALA A 190 -16.84 2.35 -3.36
C ALA A 190 -17.12 1.79 -4.73
N LEU A 191 -16.58 0.61 -5.01
CA LEU A 191 -16.86 -0.05 -6.29
C LEU A 191 -18.33 -0.18 -6.58
N GLU A 192 -19.14 -0.65 -5.61
CA GLU A 192 -20.48 -1.02 -5.98
C GLU A 192 -21.35 0.19 -6.20
N THR A 193 -21.01 1.30 -5.59
CA THR A 193 -21.86 2.49 -5.59
C THR A 193 -21.30 3.65 -6.47
N ALA A 194 -20.11 3.48 -7.04
CA ALA A 194 -19.43 4.59 -7.72
C ALA A 194 -20.25 5.23 -8.87
N LYS A 195 -21.19 4.49 -9.45
CA LYS A 195 -21.98 5.04 -10.55
C LYS A 195 -23.23 5.79 -10.08
N ARG A 196 -23.59 5.63 -8.80
CA ARG A 196 -24.77 6.26 -8.23
C ARG A 196 -24.43 7.54 -7.42
N GLY A 197 -23.30 8.15 -7.76
CA GLY A 197 -22.93 9.45 -7.21
C GLY A 197 -22.51 9.42 -5.77
N ILE A 198 -22.05 8.26 -5.30
CA ILE A 198 -21.64 8.10 -3.92
C ILE A 198 -20.13 7.82 -3.85
N THR A 199 -19.43 8.44 -2.91
CA THR A 199 -18.07 8.04 -2.65
C THR A 199 -18.00 7.29 -1.36
N VAL A 200 -17.05 6.38 -1.23
CA VAL A 200 -16.83 5.74 0.06
C VAL A 200 -15.35 5.82 0.33
N ASN A 201 -14.96 6.34 1.49
CA ASN A 201 -13.54 6.47 1.81
C ASN A 201 -13.27 6.13 3.25
N THR A 202 -12.06 5.74 3.56
CA THR A 202 -11.65 5.52 4.92
C THR A 202 -10.82 6.70 5.29
N VAL A 203 -11.03 7.23 6.50
CA VAL A 203 -10.15 8.27 7.03
C VAL A 203 -9.48 7.62 8.19
N SER A 204 -8.16 7.65 8.17
CA SER A 204 -7.33 6.88 9.08
C SER A 204 -6.47 7.74 10.01
N PRO A 205 -7.01 8.16 11.16
CA PRO A 205 -6.23 9.12 11.96
C PRO A 205 -5.19 8.45 12.85
N GLY A 206 -4.09 9.14 13.12
CA GLY A 206 -3.19 8.67 14.17
C GLY A 206 -3.74 9.17 15.52
N TYR A 207 -2.87 9.23 16.53
CA TYR A 207 -3.26 9.59 17.88
C TYR A 207 -3.70 11.04 18.00
N LEU A 208 -4.84 11.23 18.71
CA LEU A 208 -5.54 12.49 18.79
C LEU A 208 -5.61 13.08 20.23
N ALA A 209 -5.75 14.39 20.33
CA ALA A 209 -6.06 15.05 21.61
C ALA A 209 -7.56 14.88 21.94
N THR A 210 -7.89 13.80 22.61
CA THR A 210 -9.26 13.52 22.99
C THR A 210 -9.19 13.45 24.50
N ALA A 211 -10.20 13.97 25.21
CA ALA A 211 -10.12 13.99 26.67
C ALA A 211 -9.65 12.61 27.14
N MET A 212 -10.10 11.57 26.44
CA MET A 212 -9.53 10.22 26.53
C MET A 212 -7.98 10.17 26.66
N VAL A 213 -7.23 10.54 25.62
CA VAL A 213 -5.77 10.42 25.67
C VAL A 213 -5.11 11.46 26.59
N GLU A 214 -5.77 12.61 26.78
CA GLU A 214 -5.28 13.62 27.72
C GLU A 214 -5.32 13.08 29.15
N ALA A 215 -5.88 11.87 29.31
CA ALA A 215 -5.72 11.10 30.53
C ALA A 215 -4.31 10.54 30.63
N ALA A 223 5.77 10.27 26.13
CA ALA A 223 6.41 9.15 26.84
C ALA A 223 6.56 7.91 25.94
N LYS A 224 5.42 7.33 25.56
CA LYS A 224 5.39 6.17 24.68
C LYS A 224 4.90 6.58 23.28
N ILE A 225 4.02 7.57 23.28
CA ILE A 225 3.27 7.93 22.10
C ILE A 225 4.04 8.88 21.20
N LEU A 226 4.39 10.05 21.73
CA LEU A 226 4.83 11.13 20.87
C LEU A 226 6.12 10.81 20.09
N PRO A 227 7.03 10.00 20.68
CA PRO A 227 8.20 9.66 19.86
C PRO A 227 7.82 8.91 18.55
N GLN A 228 6.63 8.32 18.53
CA GLN A 228 6.08 7.69 17.35
C GLN A 228 5.63 8.70 16.29
N ILE A 229 5.37 9.92 16.71
CA ILE A 229 4.71 10.85 15.82
C ILE A 229 5.74 11.84 15.30
N PRO A 230 5.97 11.85 13.99
CA PRO A 230 7.04 12.74 13.53
C PRO A 230 6.80 14.23 13.84
N VAL A 231 5.56 14.69 13.78
CA VAL A 231 5.30 16.10 14.01
C VAL A 231 5.43 16.39 15.47
N GLY A 232 5.54 15.36 16.31
CA GLY A 232 5.81 15.51 17.74
C GLY A 232 4.66 16.05 18.59
N ARG A 233 3.45 15.90 18.07
CA ARG A 233 2.27 16.25 18.82
C ARG A 233 1.08 15.37 18.43
N LEU A 234 0.03 15.43 19.24
CA LEU A 234 -1.22 14.74 19.00
C LEU A 234 -2.00 15.56 18.01
N GLY A 235 -2.77 14.90 17.14
CA GLY A 235 -3.60 15.63 16.22
C GLY A 235 -4.77 16.18 16.98
N ARG A 236 -5.43 17.19 16.44
CA ARG A 236 -6.61 17.81 17.04
C ARG A 236 -7.74 17.04 16.42
N PRO A 237 -8.80 16.71 17.18
CA PRO A 237 -9.94 16.07 16.50
C PRO A 237 -10.47 16.97 15.39
N ASP A 238 -10.44 18.25 15.67
CA ASP A 238 -10.84 19.23 14.68
C ASP A 238 -10.10 19.15 13.34
N GLU A 239 -8.89 18.57 13.33
CA GLU A 239 -8.11 18.54 12.09
C GLU A 239 -8.70 17.42 11.20
N VAL A 240 -8.84 16.27 11.84
CA VAL A 240 -9.53 15.13 11.25
C VAL A 240 -10.89 15.58 10.72
N ALA A 241 -11.60 16.38 11.49
CA ALA A 241 -12.94 16.77 11.07
C ALA A 241 -12.91 17.67 9.83
N ALA A 242 -11.90 18.53 9.73
CA ALA A 242 -11.70 19.36 8.53
C ALA A 242 -11.54 18.49 7.27
N LEU A 243 -10.69 17.48 7.36
CA LEU A 243 -10.51 16.55 6.26
C LEU A 243 -11.82 15.90 5.84
N ILE A 244 -12.58 15.42 6.82
CA ILE A 244 -13.83 14.73 6.54
C ILE A 244 -14.88 15.67 5.94
N ALA A 245 -14.81 16.93 6.37
CA ALA A 245 -15.68 17.98 5.85
C ALA A 245 -15.36 18.17 4.37
N PHE A 246 -14.06 18.15 4.05
CA PHE A 246 -13.71 18.18 2.60
C PHE A 246 -14.27 17.00 1.77
N LEU A 247 -14.08 15.78 2.27
CA LEU A 247 -14.53 14.57 1.58
C LEU A 247 -16.05 14.56 1.40
N CYS A 248 -16.80 15.01 2.41
CA CYS A 248 -18.25 15.08 2.26
C CYS A 248 -18.74 16.21 1.36
N SER A 249 -17.83 17.09 0.92
CA SER A 249 -18.24 18.25 0.14
C SER A 249 -18.41 17.92 -1.33
N ASP A 250 -18.90 18.87 -2.11
CA ASP A 250 -19.10 18.66 -3.54
C ASP A 250 -17.80 18.74 -4.37
N ASP A 251 -16.66 19.06 -3.76
CA ASP A 251 -15.41 19.07 -4.51
C ASP A 251 -14.67 17.73 -4.41
N ALA A 252 -15.22 16.76 -3.68
CA ALA A 252 -14.48 15.51 -3.46
C ALA A 252 -15.15 14.27 -4.10
N GLY A 253 -15.92 14.50 -5.14
CA GLY A 253 -16.57 13.38 -5.82
C GLY A 253 -15.67 12.50 -6.70
N PHE A 254 -14.37 12.75 -6.76
CA PHE A 254 -13.47 11.90 -7.57
C PHE A 254 -12.55 11.22 -6.59
N VAL A 255 -12.77 11.44 -5.29
CA VAL A 255 -12.04 10.70 -4.30
C VAL A 255 -12.93 9.56 -3.80
N THR A 256 -12.55 8.33 -4.10
CA THR A 256 -13.33 7.20 -3.64
C THR A 256 -12.58 5.87 -3.61
N GLY A 257 -12.93 5.06 -2.62
CA GLY A 257 -12.25 3.80 -2.41
C GLY A 257 -10.89 4.07 -1.81
N ALA A 258 -10.64 5.31 -1.35
CA ALA A 258 -9.30 5.71 -0.89
C ALA A 258 -9.16 5.65 0.60
N ASP A 259 -7.92 5.56 1.06
CA ASP A 259 -7.65 5.67 2.46
C ASP A 259 -6.83 6.92 2.72
N LEU A 260 -7.44 7.94 3.33
CA LEU A 260 -6.79 9.19 3.62
C LEU A 260 -6.15 9.13 4.99
N ALA A 261 -4.83 9.18 5.06
CA ALA A 261 -4.15 9.10 6.35
C ALA A 261 -3.84 10.53 6.91
N ILE A 262 -4.07 10.69 8.19
CA ILE A 262 -3.92 11.97 8.86
C ILE A 262 -3.38 11.51 10.19
N ASN A 263 -2.07 11.27 10.19
CA ASN A 263 -1.44 10.64 11.33
C ASN A 263 -0.16 11.30 11.84
N GLY A 264 0.08 12.54 11.44
CA GLY A 264 1.25 13.27 11.91
C GLY A 264 2.57 12.68 11.38
N GLY A 265 2.48 11.80 10.36
CA GLY A 265 3.65 11.09 9.83
C GLY A 265 3.93 9.75 10.52
N MET A 266 3.08 9.39 11.46
CA MET A 266 3.29 8.18 12.26
C MET A 266 3.41 6.95 11.33
N HIS A 267 2.77 6.98 10.18
CA HIS A 267 2.86 5.86 9.21
C HIS A 267 2.76 6.42 7.84
N MET A 268 3.63 5.85 7.01
CA MET A 268 3.83 6.25 5.64
C MET A 268 4.01 4.95 4.87
N SER A 269 3.92 5.05 3.55
CA SER A 269 3.41 3.98 2.65
C SER A 269 2.99 2.64 3.20
N ALA B 24 13.35 -34.21 15.42
CA ALA B 24 12.02 -33.70 15.78
C ALA B 24 11.33 -33.04 14.58
N LYS B 25 10.82 -33.88 13.68
CA LYS B 25 10.14 -33.48 12.46
C LYS B 25 9.09 -32.36 12.67
N ARG B 26 9.40 -31.17 12.18
CA ARG B 26 8.48 -30.03 12.19
C ARG B 26 7.02 -30.38 11.84
N VAL B 27 6.10 -29.78 12.57
CA VAL B 27 4.67 -30.09 12.47
C VAL B 27 3.87 -28.88 11.98
N ALA B 28 3.05 -29.10 10.96
CA ALA B 28 2.23 -28.02 10.43
C ALA B 28 0.76 -28.36 10.67
N PHE B 29 -0.08 -27.36 10.91
CA PHE B 29 -1.55 -27.52 10.92
C PHE B 29 -2.12 -26.64 9.81
N VAL B 30 -3.03 -27.19 8.99
CA VAL B 30 -3.52 -26.45 7.83
C VAL B 30 -5.04 -26.37 7.84
N THR B 31 -5.62 -25.24 8.24
CA THR B 31 -7.06 -25.19 8.31
C THR B 31 -7.60 -25.22 6.89
N GLY B 32 -8.80 -25.75 6.72
CA GLY B 32 -9.40 -25.88 5.39
C GLY B 32 -8.50 -26.71 4.50
N GLY B 33 -7.74 -27.59 5.12
CA GLY B 33 -6.66 -28.32 4.45
C GLY B 33 -6.97 -29.25 3.30
N MET B 34 -8.25 -29.49 2.96
CA MET B 34 -8.64 -30.40 1.87
C MET B 34 -9.20 -29.60 0.69
N GLY B 35 -9.14 -28.28 0.79
CA GLY B 35 -9.80 -27.43 -0.19
C GLY B 35 -8.86 -27.26 -1.31
N GLY B 36 -9.27 -26.58 -2.37
CA GLY B 36 -8.37 -26.35 -3.51
C GLY B 36 -6.96 -25.88 -3.06
N LEU B 37 -6.86 -24.69 -2.43
CA LEU B 37 -5.56 -24.17 -2.02
C LEU B 37 -5.04 -24.90 -0.79
N GLY B 38 -5.90 -25.11 0.19
CA GLY B 38 -5.53 -25.86 1.39
C GLY B 38 -4.86 -27.22 1.11
N ALA B 39 -5.36 -27.93 0.11
CA ALA B 39 -4.81 -29.23 -0.21
C ALA B 39 -3.42 -29.05 -0.79
N ALA B 40 -3.27 -28.05 -1.69
CA ALA B 40 -1.96 -27.84 -2.35
C ALA B 40 -0.99 -27.54 -1.26
N ILE B 41 -1.42 -26.79 -0.25
CA ILE B 41 -0.51 -26.37 0.81
C ILE B 41 -0.02 -27.60 1.57
N SER B 42 -0.96 -28.46 1.98
CA SER B 42 -0.63 -29.64 2.78
C SER B 42 0.34 -30.55 2.05
N ARG B 43 0.10 -30.80 0.77
CA ARG B 43 1.06 -31.61 -0.04
C ARG B 43 2.50 -31.04 -0.05
N ARG B 44 2.66 -29.75 -0.37
CA ARG B 44 4.00 -29.13 -0.37
C ARG B 44 4.68 -29.27 0.97
N LEU B 45 3.92 -29.07 2.05
CA LEU B 45 4.49 -29.00 3.39
C LEU B 45 4.87 -30.43 3.80
N HIS B 46 4.07 -31.39 3.32
CA HIS B 46 4.30 -32.80 3.58
C HIS B 46 5.55 -33.26 2.83
N ASP B 47 5.62 -32.90 1.55
CA ASP B 47 6.78 -33.26 0.70
C ASP B 47 8.07 -32.63 1.17
N ALA B 48 7.94 -31.56 1.93
CA ALA B 48 9.08 -30.88 2.49
C ALA B 48 9.59 -31.60 3.73
N GLY B 49 8.90 -32.64 4.18
CA GLY B 49 9.35 -33.38 5.35
C GLY B 49 8.63 -33.04 6.64
N MET B 50 7.70 -32.09 6.58
CA MET B 50 6.85 -31.75 7.74
C MET B 50 5.72 -32.77 7.98
N ALA B 51 5.46 -33.07 9.25
CA ALA B 51 4.27 -33.84 9.62
C ALA B 51 3.08 -32.89 9.50
N VAL B 52 2.04 -33.30 8.77
CA VAL B 52 0.90 -32.42 8.50
C VAL B 52 -0.46 -32.89 9.07
N ALA B 53 -1.11 -31.97 9.80
CA ALA B 53 -2.48 -32.17 10.23
C ALA B 53 -3.38 -31.16 9.51
N VAL B 54 -4.44 -31.66 8.89
CA VAL B 54 -5.31 -30.79 8.15
C VAL B 54 -6.67 -30.76 8.82
N SER B 55 -7.34 -29.62 8.70
CA SER B 55 -8.63 -29.42 9.35
C SER B 55 -9.70 -29.38 8.29
N HIS B 56 -10.90 -29.72 8.72
CA HIS B 56 -12.04 -29.74 7.83
C HIS B 56 -13.29 -29.47 8.63
N SER B 57 -14.29 -28.93 7.96
CA SER B 57 -15.57 -28.69 8.58
C SER B 57 -16.46 -29.96 8.52
N ASP B 61 -17.49 -34.04 5.27
CA ASP B 61 -18.46 -34.75 4.45
C ASP B 61 -17.85 -35.94 3.67
N HIS B 62 -16.80 -35.65 2.92
CA HIS B 62 -16.13 -36.64 2.10
C HIS B 62 -14.61 -36.51 2.31
N VAL B 63 -14.21 -36.38 3.57
CA VAL B 63 -12.80 -36.38 3.96
C VAL B 63 -12.20 -37.79 3.78
N SER B 64 -13.07 -38.80 3.84
CA SER B 64 -12.65 -40.18 3.62
C SER B 64 -12.00 -40.33 2.25
N THR B 65 -12.77 -39.91 1.26
CA THR B 65 -12.37 -39.87 -0.12
C THR B 65 -11.13 -39.03 -0.35
N TRP B 66 -11.06 -37.85 0.27
CA TRP B 66 -9.89 -37.00 0.08
C TRP B 66 -8.67 -37.73 0.67
N LEU B 67 -8.83 -38.26 1.89
CA LEU B 67 -7.69 -38.94 2.52
C LEU B 67 -7.28 -40.15 1.64
N MET B 68 -8.26 -40.87 1.10
CA MET B 68 -7.95 -42.02 0.27
C MET B 68 -7.10 -41.63 -0.94
N HIS B 69 -7.51 -40.63 -1.73
CA HIS B 69 -6.71 -40.15 -2.87
C HIS B 69 -5.28 -39.66 -2.52
N GLU B 70 -5.13 -38.97 -1.40
CA GLU B 70 -3.81 -38.62 -0.89
C GLU B 70 -2.95 -39.87 -0.61
N ARG B 71 -3.53 -40.82 0.11
CA ARG B 71 -2.91 -42.12 0.40
C ARG B 71 -2.42 -42.78 -0.91
N ASP B 72 -3.28 -42.80 -1.94
CA ASP B 72 -2.91 -43.38 -3.23
C ASP B 72 -1.71 -42.66 -3.82
N ALA B 73 -1.59 -41.36 -3.53
CA ALA B 73 -0.51 -40.55 -4.04
C ALA B 73 0.72 -40.61 -3.13
N GLY B 74 0.69 -41.46 -2.13
CA GLY B 74 1.84 -41.72 -1.29
C GLY B 74 1.93 -40.87 -0.02
N ARG B 75 0.86 -40.16 0.32
CA ARG B 75 0.92 -39.21 1.46
C ARG B 75 0.08 -39.63 2.66
N ASP B 76 0.69 -39.56 3.83
CA ASP B 76 0.03 -39.72 5.13
C ASP B 76 -0.34 -38.36 5.80
N PHE B 77 -1.62 -37.99 5.77
CA PHE B 77 -2.18 -36.85 6.49
C PHE B 77 -3.06 -37.31 7.66
N LYS B 78 -2.99 -36.66 8.82
CA LYS B 78 -4.06 -36.85 9.82
C LYS B 78 -5.06 -35.72 9.70
N ALA B 79 -6.35 -36.05 9.61
CA ALA B 79 -7.40 -35.02 9.45
C ALA B 79 -8.25 -34.82 10.72
N TYR B 80 -8.75 -33.60 10.93
CA TYR B 80 -9.49 -33.20 12.14
C TYR B 80 -10.72 -32.35 11.81
N ALA B 81 -11.86 -32.69 12.39
CA ALA B 81 -13.04 -31.83 12.31
C ALA B 81 -12.92 -30.61 13.24
N VAL B 82 -13.43 -29.48 12.76
CA VAL B 82 -13.50 -28.24 13.56
C VAL B 82 -14.40 -27.25 12.87
N ASP B 83 -15.02 -26.41 13.67
CA ASP B 83 -15.72 -25.24 13.22
C ASP B 83 -14.75 -24.15 13.62
N VAL B 84 -13.97 -23.58 12.69
CA VAL B 84 -12.99 -22.53 13.05
C VAL B 84 -13.66 -21.28 13.67
N ALA B 85 -14.87 -21.00 13.24
CA ALA B 85 -15.63 -19.86 13.77
C ALA B 85 -16.06 -20.04 15.24
N ASP B 86 -15.63 -21.14 15.85
CA ASP B 86 -16.06 -21.54 17.18
C ASP B 86 -14.88 -21.82 18.09
N PHE B 87 -14.66 -20.93 19.07
CA PHE B 87 -13.44 -20.99 19.89
C PHE B 87 -13.34 -22.31 20.64
N GLU B 88 -14.47 -22.80 21.13
CA GLU B 88 -14.45 -24.01 21.92
C GLU B 88 -14.19 -25.20 20.98
N SER B 89 -14.77 -25.15 19.79
CA SER B 89 -14.48 -26.13 18.75
C SER B 89 -12.99 -26.17 18.42
N CYS B 90 -12.36 -25.01 18.31
CA CYS B 90 -10.94 -24.96 17.96
C CYS B 90 -10.12 -25.49 19.12
N GLU B 91 -10.50 -25.19 20.33
CA GLU B 91 -9.73 -25.68 21.45
C GLU B 91 -9.75 -27.21 21.51
N ARG B 92 -10.86 -27.82 21.12
CA ARG B 92 -10.97 -29.27 21.21
C ARG B 92 -10.14 -29.93 20.16
N CYS B 93 -10.13 -29.26 19.01
CA CYS B 93 -9.44 -29.76 17.85
C CYS B 93 -7.94 -29.74 18.12
N ALA B 94 -7.47 -28.64 18.72
CA ALA B 94 -6.05 -28.52 19.03
C ALA B 94 -5.67 -29.52 20.10
N GLU B 95 -6.57 -29.81 21.04
CA GLU B 95 -6.27 -30.79 22.10
C GLU B 95 -5.80 -32.07 21.41
N LYS B 96 -6.64 -32.54 20.50
CA LYS B 96 -6.37 -33.76 19.74
C LYS B 96 -5.13 -33.67 18.88
N VAL B 97 -4.96 -32.57 18.15
CA VAL B 97 -3.77 -32.39 17.33
C VAL B 97 -2.47 -32.41 18.16
N LEU B 98 -2.50 -31.79 19.33
CA LEU B 98 -1.27 -31.66 20.10
C LEU B 98 -0.88 -33.00 20.69
N ALA B 99 -1.90 -33.70 21.20
CA ALA B 99 -1.77 -35.08 21.64
C ALA B 99 -1.12 -35.95 20.57
N ASP B 100 -1.73 -36.01 19.39
CA ASP B 100 -1.19 -36.72 18.24
C ASP B 100 0.25 -36.34 17.88
N PHE B 101 0.52 -35.07 17.54
CA PHE B 101 1.80 -34.67 16.94
C PHE B 101 2.84 -34.07 17.89
N GLY B 102 2.44 -33.84 19.14
CA GLY B 102 3.30 -33.29 20.18
C GLY B 102 3.39 -31.76 20.27
N LYS B 103 2.94 -31.04 19.25
CA LYS B 103 3.31 -29.63 19.08
C LYS B 103 3.08 -29.25 17.65
N VAL B 104 2.82 -27.96 17.45
CA VAL B 104 2.61 -27.36 16.13
C VAL B 104 3.55 -26.19 15.95
N ASP B 105 4.49 -26.31 15.01
CA ASP B 105 5.43 -25.28 14.69
C ASP B 105 4.93 -24.38 13.56
N VAL B 106 4.07 -24.87 12.69
CA VAL B 106 3.69 -24.11 11.52
C VAL B 106 2.19 -24.03 11.46
N LEU B 107 1.64 -22.84 11.33
CA LEU B 107 0.19 -22.75 11.33
C LEU B 107 -0.28 -21.98 10.09
N ILE B 108 -1.19 -22.63 9.36
CA ILE B 108 -1.68 -22.07 8.13
C ILE B 108 -3.15 -21.83 8.31
N ASN B 109 -3.52 -20.58 8.38
CA ASN B 109 -4.92 -20.22 8.51
C ASN B 109 -5.47 -19.99 7.14
N ASN B 110 -5.91 -21.07 6.53
CA ASN B 110 -6.32 -21.07 5.14
C ASN B 110 -7.84 -21.17 4.99
N ALA B 111 -8.51 -21.66 6.01
CA ALA B 111 -9.93 -21.95 5.90
C ALA B 111 -10.70 -20.64 5.63
N GLY B 112 -11.70 -20.73 4.75
CA GLY B 112 -12.34 -19.55 4.24
C GLY B 112 -13.55 -19.89 3.37
N ILE B 113 -14.67 -19.19 3.56
CA ILE B 113 -15.80 -19.27 2.66
C ILE B 113 -16.14 -17.89 2.11
N THR B 114 -16.97 -17.85 1.08
CA THR B 114 -17.51 -16.62 0.52
C THR B 114 -19.04 -16.73 0.55
N ARG B 115 -19.75 -15.62 0.76
CA ARG B 115 -21.20 -15.61 0.63
C ARG B 115 -21.60 -14.35 -0.09
N ASP B 116 -21.39 -14.40 -1.38
CA ASP B 116 -21.38 -13.24 -2.22
C ASP B 116 -22.74 -12.64 -2.34
N ALA B 117 -22.82 -11.32 -2.39
CA ALA B 117 -24.05 -10.62 -2.69
C ALA B 117 -23.68 -9.16 -2.82
N THR B 118 -24.37 -8.42 -3.67
CA THR B 118 -24.27 -6.93 -3.58
C THR B 118 -24.60 -6.47 -2.15
N PHE B 119 -24.00 -5.35 -1.68
CA PHE B 119 -24.18 -4.93 -0.29
C PHE B 119 -25.65 -4.65 -0.04
N MET B 120 -26.33 -4.11 -1.04
CA MET B 120 -27.74 -3.87 -0.93
C MET B 120 -28.64 -5.14 -0.76
N LYS B 121 -28.23 -6.32 -1.24
CA LYS B 121 -29.01 -7.56 -1.14
C LYS B 121 -28.46 -8.45 -0.05
N MET B 122 -27.33 -8.05 0.51
CA MET B 122 -26.60 -8.97 1.35
C MET B 122 -27.37 -9.06 2.66
N THR B 123 -27.47 -10.26 3.22
CA THR B 123 -28.15 -10.42 4.49
C THR B 123 -27.14 -10.39 5.64
N LYS B 124 -27.64 -10.21 6.86
CA LYS B 124 -26.83 -10.32 8.08
C LYS B 124 -26.20 -11.69 8.21
N GLY B 125 -26.89 -12.67 7.63
CA GLY B 125 -26.36 -14.02 7.60
C GLY B 125 -25.17 -14.16 6.66
N ASP B 126 -25.31 -13.65 5.44
CA ASP B 126 -24.15 -13.59 4.56
C ASP B 126 -22.97 -12.91 5.32
N TRP B 127 -23.27 -11.78 5.98
CA TRP B 127 -22.22 -10.99 6.68
C TRP B 127 -21.60 -11.82 7.78
N ASP B 128 -22.41 -12.38 8.68
CA ASP B 128 -21.90 -13.09 9.85
C ASP B 128 -21.13 -14.34 9.51
N ALA B 129 -21.70 -15.17 8.62
CA ALA B 129 -21.06 -16.39 8.14
C ALA B 129 -19.63 -16.12 7.71
N VAL B 130 -19.46 -15.16 6.82
CA VAL B 130 -18.09 -14.83 6.35
C VAL B 130 -17.22 -14.23 7.49
N MET B 131 -17.76 -13.36 8.35
CA MET B 131 -16.93 -12.73 9.42
C MET B 131 -16.37 -13.79 10.40
N ARG B 132 -17.26 -14.67 10.88
CA ARG B 132 -16.90 -15.75 11.83
C ARG B 132 -15.93 -16.82 11.28
N THR B 133 -16.13 -17.21 10.04
CA THR B 133 -15.33 -18.29 9.50
C THR B 133 -13.98 -17.76 9.02
N ASP B 134 -14.03 -16.60 8.36
CA ASP B 134 -12.87 -16.04 7.65
C ASP B 134 -11.98 -15.23 8.57
N LEU B 135 -12.59 -14.43 9.48
CA LEU B 135 -11.82 -13.52 10.37
C LEU B 135 -11.72 -13.93 11.83
N ASP B 136 -12.84 -14.20 12.52
CA ASP B 136 -12.80 -14.69 13.90
C ASP B 136 -11.85 -15.88 14.04
N ALA B 137 -11.84 -16.70 12.99
CA ALA B 137 -10.97 -17.87 12.91
C ALA B 137 -9.54 -17.51 13.24
N MET B 138 -9.08 -16.34 12.79
CA MET B 138 -7.70 -15.91 13.08
C MET B 138 -7.42 -15.99 14.61
N PHE B 139 -8.31 -15.42 15.39
CA PHE B 139 -8.31 -15.56 16.88
C PHE B 139 -8.56 -16.99 17.36
N ASN B 140 -9.69 -17.57 16.98
CA ASN B 140 -10.08 -18.92 17.48
C ASN B 140 -9.00 -19.99 17.29
N VAL B 141 -8.37 -19.99 16.13
CA VAL B 141 -7.38 -20.99 15.82
C VAL B 141 -6.03 -20.67 16.42
N THR B 142 -5.54 -19.47 16.14
CA THR B 142 -4.16 -19.14 16.47
C THR B 142 -3.97 -19.17 18.00
N LYS B 143 -5.04 -18.83 18.70
CA LYS B 143 -5.02 -18.84 20.14
C LYS B 143 -4.57 -20.23 20.71
N GLN B 144 -4.88 -21.30 19.99
CA GLN B 144 -4.68 -22.65 20.53
C GLN B 144 -3.21 -23.05 20.48
N PHE B 145 -2.48 -22.44 19.57
CA PHE B 145 -1.17 -22.95 19.24
C PHE B 145 -0.10 -21.96 19.58
N ILE B 146 -0.48 -20.73 19.94
CA ILE B 146 0.50 -19.66 20.12
C ILE B 146 1.45 -19.88 21.28
N ALA B 147 0.96 -20.46 22.36
CA ALA B 147 1.73 -20.54 23.57
C ALA B 147 2.87 -21.57 23.41
N GLY B 148 2.60 -22.62 22.66
CA GLY B 148 3.60 -23.63 22.40
C GLY B 148 4.74 -23.04 21.59
N MET B 149 4.41 -22.15 20.66
CA MET B 149 5.42 -21.57 19.78
C MET B 149 6.26 -20.63 20.61
N VAL B 150 5.60 -19.78 21.40
CA VAL B 150 6.31 -18.88 22.28
C VAL B 150 7.29 -19.67 23.13
N GLU B 151 6.86 -20.83 23.64
CA GLU B 151 7.70 -21.56 24.60
C GLU B 151 8.93 -22.07 23.88
N ARG B 152 8.73 -22.61 22.69
CA ARG B 152 9.82 -23.24 21.97
C ARG B 152 10.67 -22.20 21.29
N ARG B 153 10.23 -20.95 21.36
CA ARG B 153 10.97 -19.85 20.77
C ARG B 153 11.05 -20.02 19.24
N PHE B 154 10.17 -20.82 18.66
CA PHE B 154 10.04 -20.91 17.19
C PHE B 154 8.57 -21.00 16.72
N GLY B 155 8.22 -20.23 15.69
CA GLY B 155 6.92 -20.36 15.06
C GLY B 155 6.88 -19.78 13.64
N ARG B 156 5.99 -20.34 12.82
CA ARG B 156 5.69 -19.76 11.53
C ARG B 156 4.19 -19.73 11.48
N ILE B 157 3.62 -18.58 11.13
CA ILE B 157 2.18 -18.46 11.02
C ILE B 157 1.94 -17.70 9.75
N VAL B 158 1.20 -18.32 8.85
CA VAL B 158 0.83 -17.72 7.58
C VAL B 158 -0.67 -17.72 7.48
N ASN B 159 -1.23 -16.56 7.20
CA ASN B 159 -2.66 -16.40 7.15
C ASN B 159 -2.95 -16.11 5.71
N ILE B 160 -3.93 -16.77 5.13
CA ILE B 160 -4.25 -16.56 3.74
C ILE B 160 -5.22 -15.40 3.60
N GLY B 161 -4.77 -14.33 2.96
CA GLY B 161 -5.62 -13.21 2.58
C GLY B 161 -6.27 -13.42 1.24
N SER B 162 -6.41 -12.36 0.48
CA SER B 162 -6.94 -12.47 -0.86
C SER B 162 -6.73 -11.18 -1.62
N VAL B 163 -6.52 -11.29 -2.92
CA VAL B 163 -6.40 -10.13 -3.77
C VAL B 163 -7.64 -9.31 -3.72
N ASN B 164 -8.75 -9.91 -3.30
CA ASN B 164 -9.97 -9.15 -3.17
C ASN B 164 -10.04 -8.36 -1.86
N GLY B 165 -9.23 -8.79 -0.90
CA GLY B 165 -8.90 -7.94 0.24
C GLY B 165 -8.17 -6.66 -0.18
N SER B 166 -7.29 -6.76 -1.18
CA SER B 166 -6.49 -5.60 -1.58
C SER B 166 -7.21 -4.65 -2.50
N ARG B 167 -7.98 -5.12 -3.46
CA ARG B 167 -8.52 -4.17 -4.44
C ARG B 167 -10.01 -3.96 -4.15
N GLY B 168 -10.53 -4.66 -3.15
CA GLY B 168 -11.99 -4.78 -2.97
C GLY B 168 -12.57 -5.51 -4.19
N ALA B 169 -13.82 -5.98 -4.07
CA ALA B 169 -14.41 -6.73 -5.18
C ALA B 169 -15.91 -6.52 -5.18
N PHE B 170 -16.49 -6.19 -6.31
CA PHE B 170 -17.94 -6.27 -6.46
C PHE B 170 -18.60 -7.51 -5.84
N GLY B 171 -19.73 -7.31 -5.17
CA GLY B 171 -20.45 -8.39 -4.53
C GLY B 171 -19.70 -9.07 -3.40
N GLN B 172 -18.69 -8.44 -2.79
CA GLN B 172 -18.02 -9.13 -1.67
C GLN B 172 -17.62 -8.20 -0.55
N ALA B 173 -18.54 -7.34 -0.11
CA ALA B 173 -18.24 -6.45 0.99
C ALA B 173 -17.87 -7.24 2.28
N ASN B 174 -18.46 -8.41 2.47
CA ASN B 174 -18.10 -9.29 3.59
C ASN B 174 -16.76 -9.96 3.40
N TYR B 175 -16.57 -10.60 2.23
CA TYR B 175 -15.29 -11.27 1.98
C TYR B 175 -14.12 -10.26 1.97
N ALA B 176 -14.29 -9.13 1.30
CA ALA B 176 -13.18 -8.15 1.26
C ALA B 176 -12.81 -7.67 2.67
N SER B 177 -13.86 -7.35 3.45
CA SER B 177 -13.72 -6.90 4.84
C SER B 177 -12.96 -7.95 5.63
N ALA B 178 -13.38 -9.21 5.56
CA ALA B 178 -12.71 -10.24 6.33
C ALA B 178 -11.24 -10.38 5.95
N LYS B 179 -10.96 -10.43 4.65
CA LYS B 179 -9.62 -10.73 4.17
C LYS B 179 -8.70 -9.54 4.47
N ALA B 180 -9.20 -8.31 4.20
CA ALA B 180 -8.51 -7.06 4.58
C ALA B 180 -8.18 -7.07 6.07
N GLY B 181 -9.16 -7.46 6.90
CA GLY B 181 -8.97 -7.55 8.33
C GLY B 181 -7.92 -8.57 8.71
N ILE B 182 -7.75 -9.63 7.92
CA ILE B 182 -6.70 -10.60 8.24
C ILE B 182 -5.33 -9.89 8.30
N HIS B 183 -5.09 -8.92 7.43
CA HIS B 183 -3.73 -8.33 7.44
C HIS B 183 -3.49 -7.48 8.72
N GLY B 184 -4.48 -6.72 9.18
CA GLY B 184 -4.39 -6.08 10.50
C GLY B 184 -4.00 -7.10 11.57
N PHE B 185 -4.61 -8.29 11.53
CA PHE B 185 -4.25 -9.37 12.47
C PHE B 185 -2.79 -9.77 12.40
N THR B 186 -2.34 -10.01 11.17
CA THR B 186 -0.98 -10.47 10.91
C THR B 186 0.02 -9.46 11.45
N LYS B 187 -0.13 -8.22 11.06
CA LYS B 187 0.80 -7.19 11.55
C LYS B 187 0.89 -7.13 13.11
N THR B 188 -0.25 -7.08 13.78
CA THR B 188 -0.24 -7.04 15.24
C THR B 188 0.47 -8.25 15.83
N LEU B 189 0.11 -9.44 15.35
CA LEU B 189 0.73 -10.65 15.93
C LEU B 189 2.21 -10.74 15.56
N ALA B 190 2.59 -10.20 14.41
CA ALA B 190 4.02 -10.18 14.03
C ALA B 190 4.82 -9.37 15.05
N LEU B 191 4.29 -8.17 15.33
CA LEU B 191 4.92 -7.23 16.28
C LEU B 191 5.05 -7.89 17.64
N GLU B 192 3.97 -8.52 18.10
CA GLU B 192 3.94 -9.10 19.43
C GLU B 192 4.87 -10.29 19.56
N THR B 193 5.05 -11.03 18.45
CA THR B 193 5.74 -12.32 18.49
C THR B 193 7.20 -12.26 17.97
N ALA B 194 7.56 -11.15 17.34
CA ALA B 194 8.84 -11.10 16.64
C ALA B 194 10.03 -11.53 17.52
N LYS B 195 10.02 -11.19 18.81
CA LYS B 195 11.19 -11.53 19.63
C LYS B 195 11.16 -12.97 20.17
N ARG B 196 10.15 -13.74 19.81
CA ARG B 196 10.06 -15.08 20.36
C ARG B 196 10.27 -16.15 19.23
N GLY B 197 10.94 -15.72 18.17
CA GLY B 197 11.33 -16.61 17.09
C GLY B 197 10.20 -16.96 16.14
N ILE B 198 9.14 -16.16 16.18
CA ILE B 198 7.94 -16.40 15.39
C ILE B 198 7.78 -15.38 14.29
N THR B 199 7.52 -15.80 13.06
CA THR B 199 7.05 -14.86 12.03
C THR B 199 5.56 -15.02 11.75
N VAL B 200 4.96 -13.95 11.21
CA VAL B 200 3.54 -13.95 10.88
C VAL B 200 3.41 -13.20 9.59
N ASN B 201 2.88 -13.86 8.55
CA ASN B 201 2.68 -13.18 7.30
C ASN B 201 1.34 -13.48 6.72
N THR B 202 0.95 -12.65 5.77
CA THR B 202 -0.24 -12.81 4.97
C THR B 202 0.18 -13.18 3.54
N VAL B 203 -0.41 -14.21 3.00
CA VAL B 203 -0.26 -14.48 1.57
C VAL B 203 -1.57 -14.18 0.88
N SER B 204 -1.54 -13.29 -0.09
CA SER B 204 -2.75 -12.86 -0.77
C SER B 204 -2.75 -13.38 -2.21
N PRO B 205 -3.52 -14.44 -2.49
CA PRO B 205 -3.45 -14.93 -3.88
C PRO B 205 -4.50 -14.35 -4.78
N GLY B 206 -4.22 -14.31 -6.07
CA GLY B 206 -5.20 -14.02 -7.11
C GLY B 206 -6.10 -15.23 -7.43
N TYR B 207 -6.71 -15.15 -8.60
CA TYR B 207 -7.57 -16.24 -9.10
C TYR B 207 -6.74 -17.50 -9.37
N LEU B 208 -7.17 -18.60 -8.76
CA LEU B 208 -6.50 -19.86 -8.83
C LEU B 208 -7.35 -20.97 -9.53
N ALA B 209 -6.64 -21.91 -10.18
CA ALA B 209 -7.28 -23.01 -10.87
C ALA B 209 -7.58 -24.12 -9.85
N THR B 210 -8.65 -23.96 -9.08
CA THR B 210 -9.11 -25.01 -8.18
C THR B 210 -10.28 -25.68 -8.87
N ALA B 211 -10.66 -26.86 -8.38
CA ALA B 211 -11.76 -27.61 -9.00
C ALA B 211 -12.97 -26.71 -9.17
N MET B 212 -13.31 -25.96 -8.13
CA MET B 212 -14.44 -25.07 -8.22
C MET B 212 -14.29 -24.37 -9.55
N VAL B 213 -13.32 -23.44 -9.56
CA VAL B 213 -13.07 -22.48 -10.63
C VAL B 213 -12.83 -23.10 -12.01
N GLU B 214 -12.26 -24.31 -12.03
CA GLU B 214 -12.05 -25.02 -13.29
C GLU B 214 -13.40 -25.43 -13.91
N ALA B 215 -14.40 -25.59 -13.07
CA ALA B 215 -15.77 -25.82 -13.52
C ALA B 215 -16.29 -24.71 -14.44
N VAL B 216 -15.55 -23.62 -14.56
CA VAL B 216 -16.05 -22.52 -15.38
C VAL B 216 -15.77 -22.87 -16.84
N PRO B 217 -16.75 -22.65 -17.72
CA PRO B 217 -16.54 -22.85 -19.16
C PRO B 217 -15.30 -22.09 -19.61
N GLN B 218 -14.45 -22.72 -20.43
CA GLN B 218 -13.20 -22.08 -20.84
C GLN B 218 -13.51 -20.72 -21.45
N ASP B 219 -14.63 -20.61 -22.15
CA ASP B 219 -15.02 -19.34 -22.77
C ASP B 219 -15.59 -18.29 -21.80
N VAL B 220 -15.97 -18.69 -20.60
CA VAL B 220 -16.32 -17.68 -19.63
C VAL B 220 -15.03 -17.24 -18.93
N LEU B 221 -14.18 -18.20 -18.60
CA LEU B 221 -12.87 -17.90 -18.06
C LEU B 221 -12.09 -16.92 -18.97
N GLU B 222 -12.19 -17.12 -20.28
CA GLU B 222 -11.44 -16.34 -21.22
C GLU B 222 -12.03 -14.96 -21.37
N ALA B 223 -13.35 -14.87 -21.23
CA ALA B 223 -14.05 -13.64 -21.51
C ALA B 223 -13.86 -12.69 -20.35
N LYS B 224 -13.95 -13.23 -19.15
CA LYS B 224 -14.26 -12.42 -17.99
C LYS B 224 -13.21 -12.48 -16.89
N ILE B 225 -12.50 -13.61 -16.79
CA ILE B 225 -11.51 -13.80 -15.74
C ILE B 225 -10.09 -13.50 -16.23
N LEU B 226 -9.66 -14.10 -17.35
CA LEU B 226 -8.26 -14.06 -17.71
C LEU B 226 -7.77 -12.63 -18.11
N PRO B 227 -8.64 -11.82 -18.76
CA PRO B 227 -8.28 -10.42 -19.09
C PRO B 227 -7.84 -9.60 -17.86
N GLN B 228 -8.29 -10.03 -16.68
CA GLN B 228 -7.89 -9.35 -15.46
C GLN B 228 -6.48 -9.69 -15.07
N ILE B 229 -5.92 -10.74 -15.66
CA ILE B 229 -4.67 -11.30 -15.16
C ILE B 229 -3.61 -11.08 -16.21
N PRO B 230 -2.60 -10.26 -15.92
CA PRO B 230 -1.64 -9.90 -16.98
C PRO B 230 -0.88 -11.13 -17.46
N VAL B 231 -0.43 -11.97 -16.54
CA VAL B 231 0.26 -13.20 -16.86
C VAL B 231 -0.65 -14.16 -17.73
N GLY B 232 -1.97 -13.96 -17.77
CA GLY B 232 -2.79 -14.54 -18.81
C GLY B 232 -3.29 -15.95 -18.50
N ARG B 233 -2.98 -16.43 -17.31
CA ARG B 233 -3.51 -17.71 -16.81
C ARG B 233 -3.93 -17.61 -15.35
N LEU B 234 -4.81 -18.49 -14.94
CA LEU B 234 -5.03 -18.75 -13.52
C LEU B 234 -3.74 -19.21 -12.86
N GLY B 235 -3.59 -18.93 -11.56
CA GLY B 235 -2.46 -19.46 -10.82
C GLY B 235 -2.72 -20.86 -10.31
N ARG B 236 -1.68 -21.65 -10.26
CA ARG B 236 -1.90 -23.04 -9.86
C ARG B 236 -1.84 -23.01 -8.37
N PRO B 237 -2.80 -23.66 -7.71
CA PRO B 237 -2.76 -23.73 -6.25
C PRO B 237 -1.40 -24.21 -5.71
N ASP B 238 -0.67 -25.07 -6.45
CA ASP B 238 0.67 -25.51 -6.05
C ASP B 238 1.74 -24.38 -5.98
N GLU B 239 1.66 -23.41 -6.88
CA GLU B 239 2.55 -22.24 -6.88
C GLU B 239 2.43 -21.44 -5.53
N VAL B 240 1.17 -21.10 -5.18
CA VAL B 240 0.87 -20.45 -3.94
C VAL B 240 1.39 -21.30 -2.80
N ALA B 241 1.14 -22.62 -2.85
CA ALA B 241 1.66 -23.54 -1.84
C ALA B 241 3.19 -23.50 -1.80
N ALA B 242 3.82 -23.24 -2.94
CA ALA B 242 5.27 -23.25 -2.95
C ALA B 242 5.81 -22.00 -2.21
N LEU B 243 5.23 -20.85 -2.50
CA LEU B 243 5.63 -19.64 -1.78
C LEU B 243 5.46 -19.76 -0.25
N ILE B 244 4.34 -20.31 0.19
CA ILE B 244 4.09 -20.58 1.62
C ILE B 244 5.10 -21.55 2.23
N ALA B 245 5.45 -22.60 1.50
CA ALA B 245 6.53 -23.49 1.97
C ALA B 245 7.85 -22.70 2.17
N PHE B 246 8.16 -21.76 1.29
CA PHE B 246 9.37 -20.97 1.52
C PHE B 246 9.21 -20.13 2.83
N LEU B 247 8.04 -19.51 2.97
CA LEU B 247 7.74 -18.73 4.16
C LEU B 247 7.85 -19.54 5.45
N CYS B 248 7.62 -20.84 5.39
CA CYS B 248 7.66 -21.66 6.61
C CYS B 248 9.03 -22.25 6.93
N SER B 249 10.04 -21.98 6.10
CA SER B 249 11.34 -22.59 6.30
C SER B 249 12.26 -21.77 7.15
N ASP B 250 13.44 -22.32 7.42
CA ASP B 250 14.49 -21.65 8.19
C ASP B 250 15.21 -20.57 7.41
N ASP B 251 14.75 -20.25 6.22
CA ASP B 251 15.34 -19.16 5.46
C ASP B 251 14.41 -17.93 5.42
N ALA B 252 13.23 -18.05 6.04
CA ALA B 252 12.19 -17.00 6.06
C ALA B 252 12.07 -16.22 7.39
N GLY B 253 12.97 -16.45 8.33
CA GLY B 253 12.96 -15.79 9.63
C GLY B 253 12.90 -14.26 9.67
N PHE B 254 13.21 -13.59 8.56
CA PHE B 254 13.38 -12.13 8.50
C PHE B 254 12.24 -11.48 7.72
N VAL B 255 11.36 -12.33 7.23
CA VAL B 255 10.07 -11.90 6.72
C VAL B 255 9.01 -11.99 7.85
N THR B 256 8.41 -10.85 8.25
CA THR B 256 7.23 -10.88 9.16
C THR B 256 6.47 -9.53 9.13
N GLY B 257 5.15 -9.58 9.32
CA GLY B 257 4.30 -8.42 9.13
C GLY B 257 4.07 -8.11 7.66
N ALA B 258 4.55 -9.01 6.82
CA ALA B 258 4.49 -8.87 5.35
C ALA B 258 3.23 -9.43 4.67
N ASP B 259 2.77 -8.74 3.64
CA ASP B 259 1.76 -9.25 2.73
C ASP B 259 2.40 -9.61 1.40
N LEU B 260 2.44 -10.90 1.07
CA LEU B 260 3.05 -11.33 -0.19
C LEU B 260 1.99 -11.61 -1.23
N ALA B 261 1.94 -10.78 -2.25
CA ALA B 261 0.93 -10.86 -3.30
C ALA B 261 1.37 -11.84 -4.38
N ILE B 262 0.52 -12.81 -4.67
CA ILE B 262 0.84 -13.82 -5.68
C ILE B 262 -0.42 -13.89 -6.51
N ASN B 263 -0.54 -12.97 -7.44
CA ASN B 263 -1.79 -12.76 -8.11
C ASN B 263 -1.65 -12.63 -9.63
N GLY B 264 -0.48 -13.00 -10.17
CA GLY B 264 -0.23 -12.94 -11.60
C GLY B 264 -0.30 -11.54 -12.25
N GLY B 265 -0.03 -10.47 -11.48
CA GLY B 265 -0.13 -9.10 -12.02
C GLY B 265 -1.50 -8.47 -11.87
N MET B 266 -2.43 -9.19 -11.25
CA MET B 266 -3.81 -8.72 -11.16
C MET B 266 -3.92 -7.41 -10.33
N HIS B 267 -3.11 -7.30 -9.28
CA HIS B 267 -3.12 -6.11 -8.45
C HIS B 267 -1.70 -5.73 -8.11
N MET B 268 -1.38 -4.45 -8.28
CA MET B 268 -0.10 -3.92 -7.83
C MET B 268 -0.35 -2.60 -7.06
N SER B 269 0.61 -2.18 -6.23
CA SER B 269 0.52 -0.90 -5.49
C SER B 269 1.92 -0.41 -5.05
N ALA C 24 19.41 -26.58 -21.53
CA ALA C 24 20.38 -25.49 -21.42
C ALA C 24 20.27 -24.80 -20.04
N LYS C 25 21.40 -24.70 -19.37
CA LYS C 25 21.44 -24.19 -18.01
C LYS C 25 20.87 -22.78 -17.95
N ARG C 26 20.07 -22.50 -16.93
CA ARG C 26 19.67 -21.12 -16.64
C ARG C 26 20.83 -20.20 -16.24
N VAL C 27 20.88 -19.03 -16.87
CA VAL C 27 21.98 -18.08 -16.63
C VAL C 27 21.43 -16.84 -15.86
N ALA C 28 22.14 -16.45 -14.81
CA ALA C 28 21.77 -15.28 -14.01
C ALA C 28 22.93 -14.29 -14.01
N PHE C 29 22.59 -13.01 -14.23
CA PHE C 29 23.50 -11.89 -14.12
C PHE C 29 23.10 -11.04 -12.88
N VAL C 30 24.04 -10.90 -11.95
CA VAL C 30 23.78 -10.24 -10.66
C VAL C 30 24.64 -8.99 -10.62
N THR C 31 24.07 -7.82 -10.84
CA THR C 31 24.92 -6.63 -10.73
C THR C 31 25.30 -6.40 -9.22
N GLY C 32 26.42 -5.71 -8.96
CA GLY C 32 27.01 -5.64 -7.63
C GLY C 32 27.20 -7.04 -7.05
N GLY C 33 27.44 -8.00 -7.93
CA GLY C 33 27.39 -9.38 -7.54
C GLY C 33 28.37 -9.81 -6.49
N MET C 34 29.31 -8.92 -6.12
CA MET C 34 30.39 -9.27 -5.18
C MET C 34 30.18 -8.62 -3.82
N GLY C 35 29.18 -7.73 -3.73
CA GLY C 35 28.76 -7.08 -2.49
C GLY C 35 28.36 -8.03 -1.36
N GLY C 36 28.02 -7.45 -0.22
CA GLY C 36 27.37 -8.16 0.87
C GLY C 36 26.15 -8.93 0.42
N LEU C 37 25.26 -8.30 -0.32
CA LEU C 37 24.07 -9.02 -0.75
C LEU C 37 24.21 -9.68 -2.13
N GLY C 38 24.92 -9.05 -3.07
CA GLY C 38 25.22 -9.66 -4.36
C GLY C 38 25.92 -11.01 -4.22
N ALA C 39 26.97 -11.08 -3.40
CA ALA C 39 27.68 -12.35 -3.22
C ALA C 39 26.79 -13.42 -2.59
N ALA C 40 25.88 -13.08 -1.67
CA ALA C 40 24.97 -14.09 -1.13
C ALA C 40 23.99 -14.57 -2.21
N ILE C 41 23.53 -13.63 -3.04
CA ILE C 41 22.56 -13.94 -4.08
C ILE C 41 23.18 -14.87 -5.13
N SER C 42 24.35 -14.47 -5.60
CA SER C 42 25.13 -15.26 -6.54
C SER C 42 25.33 -16.69 -6.03
N ARG C 43 25.85 -16.84 -4.80
CA ARG C 43 26.03 -18.19 -4.26
C ARG C 43 24.74 -19.03 -4.25
N ARG C 44 23.62 -18.43 -3.85
CA ARG C 44 22.33 -19.11 -3.87
C ARG C 44 21.85 -19.50 -5.28
N LEU C 45 22.13 -18.65 -6.25
CA LEU C 45 21.62 -18.87 -7.61
C LEU C 45 22.45 -19.99 -8.28
N HIS C 46 23.74 -20.05 -7.93
CA HIS C 46 24.66 -21.04 -8.45
C HIS C 46 24.28 -22.36 -7.82
N ASP C 47 23.97 -22.33 -6.53
CA ASP C 47 23.58 -23.53 -5.82
C ASP C 47 22.22 -24.06 -6.23
N ALA C 48 21.41 -23.17 -6.79
CA ALA C 48 20.15 -23.55 -7.40
C ALA C 48 20.45 -24.20 -8.75
N GLY C 49 21.70 -24.20 -9.14
CA GLY C 49 22.07 -24.82 -10.40
C GLY C 49 22.09 -23.87 -11.58
N MET C 50 22.23 -22.56 -11.36
CA MET C 50 22.32 -21.65 -12.52
C MET C 50 23.76 -21.33 -12.85
N ALA C 51 24.03 -21.00 -14.11
CA ALA C 51 25.31 -20.43 -14.49
C ALA C 51 25.24 -18.95 -14.13
N VAL C 52 26.10 -18.51 -13.23
CA VAL C 52 26.05 -17.16 -12.74
C VAL C 52 27.22 -16.27 -13.20
N ALA C 53 26.88 -15.12 -13.75
CA ALA C 53 27.81 -14.03 -13.96
C ALA C 53 27.51 -12.89 -12.91
N VAL C 54 28.57 -12.28 -12.39
CA VAL C 54 28.45 -11.13 -11.47
C VAL C 54 29.12 -9.89 -12.06
N SER C 55 28.52 -8.74 -11.81
CA SER C 55 29.06 -7.50 -12.28
C SER C 55 29.73 -6.78 -11.10
N HIS C 56 30.63 -5.87 -11.44
CA HIS C 56 31.46 -5.17 -10.46
C HIS C 56 32.07 -3.93 -11.10
N SER C 57 32.52 -3.00 -10.26
CA SER C 57 33.51 -2.04 -10.69
C SER C 57 34.66 -2.00 -9.69
N GLU C 58 35.42 -3.10 -9.62
CA GLU C 58 36.62 -3.09 -8.80
C GLU C 58 37.90 -3.45 -9.58
N ARG C 59 39.05 -3.24 -8.95
CA ARG C 59 40.34 -3.61 -9.55
C ARG C 59 40.50 -5.16 -9.65
N ASN C 60 41.30 -5.63 -10.62
CA ASN C 60 41.47 -7.08 -10.85
C ASN C 60 41.85 -7.91 -9.64
N ASP C 61 42.64 -7.34 -8.73
CA ASP C 61 43.12 -8.11 -7.58
C ASP C 61 41.95 -8.44 -6.67
N HIS C 62 41.13 -7.43 -6.39
CA HIS C 62 39.91 -7.64 -5.64
C HIS C 62 39.18 -8.78 -6.33
N VAL C 63 38.81 -8.55 -7.59
CA VAL C 63 38.02 -9.49 -8.37
C VAL C 63 38.67 -10.86 -8.36
N SER C 64 40.00 -10.89 -8.40
CA SER C 64 40.72 -12.14 -8.54
C SER C 64 40.69 -12.96 -7.25
N THR C 65 40.96 -12.28 -6.15
CA THR C 65 40.90 -12.92 -4.85
C THR C 65 39.48 -13.39 -4.59
N TRP C 66 38.50 -12.62 -5.04
CA TRP C 66 37.11 -12.99 -4.75
C TRP C 66 36.79 -14.27 -5.52
N LEU C 67 37.16 -14.29 -6.80
CA LEU C 67 36.86 -15.39 -7.70
C LEU C 67 37.51 -16.67 -7.21
N MET C 68 38.65 -16.47 -6.55
CA MET C 68 39.51 -17.56 -6.15
C MET C 68 38.93 -18.24 -4.91
N HIS C 69 38.56 -17.43 -3.93
CA HIS C 69 37.98 -17.95 -2.70
C HIS C 69 36.64 -18.61 -3.00
N GLU C 70 35.87 -18.02 -3.91
CA GLU C 70 34.62 -18.63 -4.33
C GLU C 70 34.96 -19.97 -4.93
N ARG C 71 35.94 -20.01 -5.84
CA ARG C 71 36.40 -21.26 -6.46
C ARG C 71 36.77 -22.29 -5.39
N ASP C 72 37.34 -21.82 -4.29
CA ASP C 72 37.74 -22.71 -3.18
C ASP C 72 36.53 -23.28 -2.40
N ALA C 73 35.42 -22.54 -2.40
CA ALA C 73 34.19 -22.97 -1.75
C ALA C 73 33.27 -23.69 -2.73
N GLY C 74 33.83 -24.16 -3.84
CA GLY C 74 33.11 -25.02 -4.75
C GLY C 74 32.39 -24.27 -5.86
N ARG C 75 32.61 -22.96 -5.97
CA ARG C 75 31.81 -22.14 -6.89
C ARG C 75 32.59 -21.43 -7.97
N ASP C 76 32.07 -21.53 -9.18
CA ASP C 76 32.77 -21.17 -10.40
C ASP C 76 32.12 -19.94 -11.03
N PHE C 77 32.60 -18.72 -10.72
CA PHE C 77 31.87 -17.52 -11.15
C PHE C 77 32.56 -16.85 -12.34
N LYS C 78 31.85 -16.07 -13.15
CA LYS C 78 32.59 -15.18 -14.07
C LYS C 78 32.16 -13.75 -13.87
N ALA C 79 33.14 -12.84 -13.84
CA ALA C 79 32.86 -11.47 -13.44
C ALA C 79 33.04 -10.50 -14.60
N TYR C 80 32.25 -9.44 -14.63
CA TYR C 80 32.37 -8.36 -15.62
C TYR C 80 32.36 -7.02 -14.95
N ALA C 81 33.24 -6.15 -15.43
CA ALA C 81 33.27 -4.75 -15.04
C ALA C 81 32.10 -3.97 -15.66
N VAL C 82 31.44 -3.14 -14.85
CA VAL C 82 30.39 -2.27 -15.39
C VAL C 82 30.24 -1.02 -14.55
N ASP C 83 29.76 0.04 -15.20
CA ASP C 83 29.20 1.22 -14.53
C ASP C 83 27.71 1.26 -14.90
N VAL C 84 26.84 0.75 -14.01
CA VAL C 84 25.41 0.69 -14.33
C VAL C 84 24.77 2.06 -14.54
N ALA C 85 25.44 3.13 -14.09
CA ALA C 85 24.93 4.49 -14.35
C ALA C 85 25.24 4.94 -15.79
N ASP C 86 26.01 4.13 -16.51
CA ASP C 86 26.39 4.50 -17.85
C ASP C 86 25.87 3.48 -18.83
N PHE C 87 24.94 3.91 -19.70
CA PHE C 87 24.32 3.02 -20.64
C PHE C 87 25.34 2.22 -21.52
N GLU C 88 26.14 2.96 -22.30
CA GLU C 88 27.15 2.35 -23.14
C GLU C 88 27.93 1.33 -22.38
N SER C 89 28.34 1.64 -21.14
CA SER C 89 29.15 0.69 -20.40
C SER C 89 28.35 -0.59 -20.17
N CYS C 90 27.04 -0.43 -19.93
CA CYS C 90 26.17 -1.59 -19.75
C CYS C 90 26.11 -2.39 -21.06
N GLU C 91 26.05 -1.68 -22.18
CA GLU C 91 26.06 -2.33 -23.50
C GLU C 91 27.30 -3.20 -23.67
N ARG C 92 28.45 -2.65 -23.28
CA ARG C 92 29.72 -3.33 -23.48
C ARG C 92 29.76 -4.52 -22.55
N CYS C 93 29.37 -4.30 -21.30
CA CYS C 93 29.28 -5.38 -20.31
C CYS C 93 28.37 -6.54 -20.75
N ALA C 94 27.19 -6.20 -21.28
CA ALA C 94 26.22 -7.21 -21.68
C ALA C 94 26.79 -8.09 -22.85
N GLU C 95 27.36 -7.41 -23.84
CA GLU C 95 28.15 -8.06 -24.90
C GLU C 95 29.03 -9.20 -24.45
N LYS C 96 29.85 -8.98 -23.44
CA LYS C 96 30.74 -10.01 -22.97
C LYS C 96 29.99 -11.15 -22.29
N VAL C 97 29.05 -10.76 -21.45
CA VAL C 97 28.25 -11.71 -20.74
C VAL C 97 27.55 -12.62 -21.79
N LEU C 98 26.94 -12.01 -22.80
CA LEU C 98 26.12 -12.81 -23.72
C LEU C 98 27.07 -13.69 -24.54
N ALA C 99 28.26 -13.20 -24.85
CA ALA C 99 29.23 -14.02 -25.60
C ALA C 99 29.66 -15.26 -24.79
N ASP C 100 29.85 -15.13 -23.50
CA ASP C 100 30.24 -16.30 -22.71
C ASP C 100 29.11 -17.29 -22.37
N PHE C 101 27.92 -16.77 -22.07
CA PHE C 101 26.86 -17.61 -21.55
C PHE C 101 25.82 -17.75 -22.65
N GLY C 102 25.91 -16.89 -23.67
CA GLY C 102 25.00 -16.93 -24.81
C GLY C 102 23.55 -16.43 -24.63
N LYS C 103 23.15 -16.31 -23.37
CA LYS C 103 21.84 -15.78 -23.06
C LYS C 103 21.90 -15.36 -21.58
N VAL C 104 20.92 -14.55 -21.14
CA VAL C 104 20.75 -14.26 -19.73
C VAL C 104 19.26 -14.44 -19.39
N ASP C 105 18.97 -15.38 -18.50
CA ASP C 105 17.60 -15.68 -18.10
C ASP C 105 17.07 -14.97 -16.83
N VAL C 106 17.98 -14.68 -15.90
CA VAL C 106 17.66 -14.18 -14.59
C VAL C 106 18.53 -12.92 -14.39
N LEU C 107 17.88 -11.77 -14.28
CA LEU C 107 18.59 -10.54 -14.02
C LEU C 107 18.27 -10.01 -12.62
N ILE C 108 19.27 -9.91 -11.77
CA ILE C 108 19.13 -9.27 -10.46
C ILE C 108 19.76 -7.85 -10.45
N ASN C 109 18.95 -6.79 -10.60
CA ASN C 109 19.46 -5.43 -10.46
C ASN C 109 19.76 -5.12 -8.97
N ASN C 110 20.96 -5.49 -8.52
CA ASN C 110 21.35 -5.39 -7.11
C ASN C 110 22.35 -4.27 -6.84
N ALA C 111 23.18 -3.87 -7.83
CA ALA C 111 24.10 -2.71 -7.73
C ALA C 111 23.42 -1.37 -7.37
N GLY C 112 23.92 -0.76 -6.30
CA GLY C 112 23.68 0.66 -6.08
C GLY C 112 24.54 1.22 -4.96
N ILE C 113 24.38 2.53 -4.71
CA ILE C 113 25.22 3.27 -3.77
C ILE C 113 24.35 4.17 -2.90
N THR C 114 24.88 4.62 -1.77
CA THR C 114 24.26 5.71 -0.98
C THR C 114 25.11 6.99 -1.02
N ARG C 115 24.43 8.12 -0.91
CA ARG C 115 25.07 9.43 -0.85
C ARG C 115 24.27 10.28 0.18
N ASP C 116 24.36 9.89 1.44
CA ASP C 116 23.48 10.44 2.48
C ASP C 116 23.85 11.87 2.80
N ALA C 117 22.83 12.71 2.92
CA ALA C 117 22.90 14.12 3.35
C ALA C 117 21.51 14.44 3.89
N THR C 118 21.37 15.30 4.91
CA THR C 118 20.04 15.89 5.13
C THR C 118 19.75 16.69 3.87
N PHE C 119 18.47 16.90 3.61
CA PHE C 119 18.04 17.52 2.37
C PHE C 119 18.60 18.89 2.26
N MET C 120 18.80 19.55 3.39
CA MET C 120 19.16 20.94 3.35
C MET C 120 20.64 21.03 3.05
N LYS C 121 21.40 20.02 3.47
CA LYS C 121 22.83 19.89 3.15
C LYS C 121 23.14 19.23 1.78
N MET C 122 22.23 18.38 1.31
CA MET C 122 22.43 17.64 0.07
C MET C 122 22.86 18.53 -1.09
N THR C 123 23.92 18.09 -1.77
CA THR C 123 24.38 18.75 -2.98
C THR C 123 23.69 18.11 -4.19
N LYS C 124 23.54 18.86 -5.28
CA LYS C 124 23.06 18.28 -6.54
C LYS C 124 23.93 17.10 -6.96
N GLY C 125 25.19 17.07 -6.51
CA GLY C 125 26.07 15.97 -6.82
C GLY C 125 25.71 14.70 -6.06
N ASP C 126 25.33 14.86 -4.81
CA ASP C 126 24.87 13.78 -3.97
C ASP C 126 23.66 13.15 -4.65
N TRP C 127 22.86 14.04 -5.24
CA TRP C 127 21.56 13.68 -5.79
C TRP C 127 21.73 12.83 -7.06
N ASP C 128 22.40 13.37 -8.07
CA ASP C 128 22.68 12.63 -9.31
C ASP C 128 23.44 11.32 -9.12
N ALA C 129 24.47 11.31 -8.27
CA ALA C 129 25.22 10.06 -8.08
C ALA C 129 24.22 8.96 -7.72
N VAL C 130 23.24 9.29 -6.89
CA VAL C 130 22.30 8.28 -6.45
C VAL C 130 21.20 8.06 -7.50
N MET C 131 20.62 9.09 -8.12
CA MET C 131 19.59 8.84 -9.14
C MET C 131 20.16 8.10 -10.39
N ARG C 132 21.14 8.70 -11.09
CA ARG C 132 21.74 8.08 -12.25
C ARG C 132 22.25 6.68 -11.97
N THR C 133 22.80 6.41 -10.80
CA THR C 133 23.26 5.05 -10.54
C THR C 133 22.08 4.16 -10.12
N ASP C 134 21.49 4.45 -8.97
CA ASP C 134 20.54 3.52 -8.39
C ASP C 134 19.27 3.37 -9.20
N LEU C 135 18.73 4.46 -9.76
CA LEU C 135 17.46 4.29 -10.43
C LEU C 135 17.69 4.08 -11.91
N ASP C 136 18.66 4.78 -12.49
CA ASP C 136 18.82 4.74 -13.93
C ASP C 136 19.32 3.36 -14.30
N ALA C 137 20.01 2.66 -13.41
CA ALA C 137 20.32 1.23 -13.63
C ALA C 137 19.09 0.41 -14.08
N MET C 138 17.88 0.83 -13.73
CA MET C 138 16.76 0.03 -14.19
C MET C 138 16.70 0.05 -15.73
N PHE C 139 16.90 1.21 -16.32
CA PHE C 139 16.96 1.33 -17.76
C PHE C 139 18.28 0.79 -18.31
N ASN C 140 19.39 1.25 -17.75
CA ASN C 140 20.69 0.93 -18.37
C ASN C 140 21.01 -0.55 -18.45
N VAL C 141 20.61 -1.33 -17.45
CA VAL C 141 21.05 -2.71 -17.40
C VAL C 141 19.96 -3.57 -18.01
N THR C 142 18.73 -3.39 -17.57
CA THR C 142 17.65 -4.21 -18.05
C THR C 142 17.46 -4.04 -19.56
N LYS C 143 17.78 -2.89 -20.12
CA LYS C 143 17.69 -2.73 -21.57
C LYS C 143 18.56 -3.75 -22.35
N GLN C 144 19.72 -4.07 -21.79
CA GLN C 144 20.68 -4.98 -22.43
C GLN C 144 20.16 -6.43 -22.51
N PHE C 145 19.27 -6.82 -21.60
CA PHE C 145 18.84 -8.21 -21.56
C PHE C 145 17.36 -8.49 -21.87
N ILE C 146 16.56 -7.45 -22.04
CA ILE C 146 15.13 -7.66 -22.11
C ILE C 146 14.74 -8.34 -23.43
N ALA C 147 15.44 -8.07 -24.53
CA ALA C 147 14.99 -8.67 -25.79
C ALA C 147 15.19 -10.19 -25.76
N GLY C 148 16.31 -10.66 -25.22
CA GLY C 148 16.57 -12.10 -25.10
C GLY C 148 15.42 -12.78 -24.35
N MET C 149 15.10 -12.24 -23.18
CA MET C 149 14.00 -12.82 -22.36
C MET C 149 12.67 -12.91 -23.10
N VAL C 150 12.26 -11.82 -23.74
CA VAL C 150 11.04 -11.82 -24.53
C VAL C 150 11.10 -12.80 -25.70
N GLU C 151 12.24 -12.82 -26.43
CA GLU C 151 12.42 -13.76 -27.54
C GLU C 151 12.18 -15.15 -27.03
N ARG C 152 12.88 -15.57 -25.99
CA ARG C 152 12.75 -16.96 -25.56
C ARG C 152 11.54 -17.20 -24.70
N ARG C 153 10.67 -16.19 -24.58
CA ARG C 153 9.47 -16.23 -23.72
C ARG C 153 9.75 -16.69 -22.31
N PHE C 154 10.83 -16.22 -21.71
CA PHE C 154 11.10 -16.59 -20.32
C PHE C 154 12.05 -15.63 -19.68
N GLY C 155 11.68 -15.14 -18.48
CA GLY C 155 12.63 -14.40 -17.65
C GLY C 155 12.22 -14.10 -16.21
N ARG C 156 13.25 -13.78 -15.41
CA ARG C 156 13.10 -13.42 -14.00
C ARG C 156 13.91 -12.20 -13.72
N ILE C 157 13.24 -11.06 -13.50
CA ILE C 157 13.94 -9.82 -13.20
C ILE C 157 13.58 -9.49 -11.76
N VAL C 158 14.57 -9.45 -10.87
CA VAL C 158 14.37 -9.06 -9.46
C VAL C 158 15.14 -7.74 -9.15
N ASN C 159 14.42 -6.64 -8.96
CA ASN C 159 15.02 -5.31 -8.65
C ASN C 159 15.19 -5.13 -7.13
N ILE C 160 16.40 -4.89 -6.64
CA ILE C 160 16.55 -4.74 -5.19
C ILE C 160 16.05 -3.37 -4.78
N GLY C 161 14.93 -3.30 -4.04
CA GLY C 161 14.47 -2.05 -3.47
C GLY C 161 15.13 -1.77 -2.11
N SER C 162 14.36 -1.21 -1.18
CA SER C 162 14.81 -1.04 0.20
C SER C 162 13.61 -0.67 1.09
N VAL C 163 13.57 -1.24 2.31
CA VAL C 163 12.65 -0.71 3.34
C VAL C 163 12.60 0.82 3.34
N ASN C 164 13.72 1.49 3.05
CA ASN C 164 13.79 2.98 3.07
C ASN C 164 13.11 3.72 1.92
N GLY C 165 12.85 3.00 0.84
CA GLY C 165 11.94 3.48 -0.19
C GLY C 165 10.50 3.26 0.30
N SER C 166 10.26 2.35 1.21
CA SER C 166 8.88 2.23 1.68
C SER C 166 8.56 3.29 2.70
N ARG C 167 9.38 3.41 3.74
CA ARG C 167 9.04 4.29 4.85
C ARG C 167 9.68 5.66 4.77
N GLY C 168 10.61 5.87 3.83
CA GLY C 168 11.31 7.15 3.72
C GLY C 168 12.38 7.22 4.79
N ALA C 169 13.53 7.80 4.51
CA ALA C 169 14.51 7.84 5.58
C ALA C 169 15.17 9.18 5.73
N PHE C 170 15.42 9.47 7.00
CA PHE C 170 16.15 10.66 7.38
C PHE C 170 17.51 10.57 6.79
N GLY C 171 17.87 11.58 5.99
CA GLY C 171 19.19 11.72 5.47
C GLY C 171 19.30 11.18 4.07
N GLN C 172 18.21 10.64 3.54
CA GLN C 172 18.33 9.95 2.26
C GLN C 172 17.26 10.31 1.25
N ALA C 173 16.93 11.59 1.16
CA ALA C 173 15.93 11.99 0.18
C ALA C 173 16.24 11.40 -1.21
N ASN C 174 17.53 11.16 -1.48
CA ASN C 174 17.93 10.71 -2.80
C ASN C 174 17.78 9.18 -2.94
N TYR C 175 18.29 8.42 -1.97
CA TYR C 175 18.28 6.97 -1.98
C TYR C 175 16.83 6.44 -1.84
N ALA C 176 16.02 7.15 -1.05
CA ALA C 176 14.61 6.85 -0.91
C ALA C 176 13.85 7.17 -2.19
N SER C 177 14.13 8.29 -2.87
CA SER C 177 13.43 8.54 -4.13
C SER C 177 13.79 7.47 -5.20
N ALA C 178 14.99 6.90 -5.11
CA ALA C 178 15.41 5.98 -6.14
C ALA C 178 14.78 4.61 -5.89
N LYS C 179 14.90 4.13 -4.66
CA LYS C 179 14.28 2.85 -4.32
C LYS C 179 12.75 2.83 -4.54
N ALA C 180 12.08 3.95 -4.31
CA ALA C 180 10.65 4.00 -4.56
C ALA C 180 10.40 4.00 -6.05
N GLY C 181 11.20 4.77 -6.80
CA GLY C 181 11.05 4.80 -8.24
C GLY C 181 11.23 3.40 -8.83
N ILE C 182 12.09 2.62 -8.19
CA ILE C 182 12.41 1.27 -8.63
C ILE C 182 11.15 0.41 -8.64
N HIS C 183 10.25 0.66 -7.68
CA HIS C 183 9.05 -0.12 -7.68
C HIS C 183 8.13 0.27 -8.80
N GLY C 184 8.05 1.54 -9.13
CA GLY C 184 7.20 1.97 -10.21
C GLY C 184 7.63 1.36 -11.53
N PHE C 185 8.95 1.25 -11.71
CA PHE C 185 9.53 0.53 -12.84
C PHE C 185 9.21 -1.00 -12.83
N THR C 186 9.44 -1.66 -11.71
CA THR C 186 8.97 -3.05 -11.52
C THR C 186 7.54 -3.28 -12.00
N LYS C 187 6.62 -2.45 -11.52
CA LYS C 187 5.22 -2.62 -11.86
C LYS C 187 4.90 -2.46 -13.37
N THR C 188 5.42 -1.40 -13.98
CA THR C 188 5.23 -1.18 -15.43
C THR C 188 5.85 -2.26 -16.33
N LEU C 189 7.04 -2.73 -15.96
CA LEU C 189 7.71 -3.76 -16.75
C LEU C 189 6.92 -5.07 -16.62
N ALA C 190 6.56 -5.46 -15.40
CA ALA C 190 5.71 -6.62 -15.19
C ALA C 190 4.47 -6.61 -16.06
N LEU C 191 3.78 -5.47 -16.14
CA LEU C 191 2.60 -5.32 -17.00
C LEU C 191 3.00 -5.56 -18.46
N GLU C 192 4.16 -5.03 -18.86
CA GLU C 192 4.55 -5.10 -20.25
C GLU C 192 4.97 -6.51 -20.66
N THR C 193 5.60 -7.26 -19.75
CA THR C 193 6.21 -8.55 -20.03
C THR C 193 5.41 -9.78 -19.50
N ALA C 194 4.34 -9.56 -18.74
CA ALA C 194 3.54 -10.63 -18.14
C ALA C 194 3.19 -11.71 -19.14
N LYS C 195 2.73 -11.27 -20.30
CA LYS C 195 2.22 -12.16 -21.31
C LYS C 195 3.36 -12.79 -22.12
N ARG C 196 4.60 -12.56 -21.72
CA ARG C 196 5.73 -13.15 -22.45
C ARG C 196 6.61 -14.01 -21.53
N GLY C 197 6.03 -14.51 -20.46
CA GLY C 197 6.72 -15.50 -19.63
C GLY C 197 7.78 -14.95 -18.67
N ILE C 198 7.79 -13.62 -18.52
CA ILE C 198 8.79 -12.91 -17.70
C ILE C 198 8.08 -12.33 -16.46
N THR C 199 8.62 -12.49 -15.27
CA THR C 199 8.08 -11.80 -14.12
C THR C 199 9.09 -10.78 -13.64
N VAL C 200 8.62 -9.61 -13.17
CA VAL C 200 9.48 -8.53 -12.65
C VAL C 200 9.01 -8.23 -11.24
N ASN C 201 9.88 -8.33 -10.25
CA ASN C 201 9.44 -8.03 -8.88
C ASN C 201 10.49 -7.16 -8.16
N THR C 202 10.05 -6.44 -7.13
CA THR C 202 10.97 -5.72 -6.26
C THR C 202 11.11 -6.53 -5.00
N VAL C 203 12.34 -6.81 -4.59
CA VAL C 203 12.59 -7.35 -3.26
C VAL C 203 13.15 -6.21 -2.37
N SER C 204 12.51 -5.94 -1.24
CA SER C 204 12.79 -4.74 -0.43
C SER C 204 13.33 -5.09 0.94
N PRO C 205 14.63 -5.36 1.04
CA PRO C 205 15.22 -5.76 2.34
C PRO C 205 15.30 -4.60 3.41
N GLY C 206 15.31 -4.97 4.70
CA GLY C 206 15.59 -4.03 5.78
C GLY C 206 17.10 -3.97 6.02
N TYR C 207 17.55 -3.69 7.24
CA TYR C 207 18.99 -3.64 7.52
C TYR C 207 19.59 -5.05 7.63
N LEU C 208 20.77 -5.19 7.04
CA LEU C 208 21.42 -6.47 6.79
C LEU C 208 22.83 -6.47 7.36
N ALA C 209 23.25 -7.61 7.89
CA ALA C 209 24.57 -7.76 8.46
C ALA C 209 25.60 -7.83 7.33
N THR C 210 25.74 -6.74 6.58
CA THR C 210 26.79 -6.62 5.57
C THR C 210 28.02 -5.97 6.18
N ALA C 211 29.09 -6.01 5.39
CA ALA C 211 30.37 -5.42 5.75
C ALA C 211 30.32 -3.87 5.96
N MET C 212 29.63 -3.13 5.08
CA MET C 212 29.56 -1.67 5.23
C MET C 212 28.65 -1.27 6.41
N VAL C 213 27.52 -1.96 6.57
CA VAL C 213 26.59 -1.77 7.71
C VAL C 213 27.17 -2.20 9.06
N ALA C 223 22.05 0.71 17.97
CA ALA C 223 21.20 1.31 19.03
C ALA C 223 20.37 2.53 18.61
N LYS C 224 20.37 2.86 17.32
CA LYS C 224 19.28 3.67 16.73
C LYS C 224 18.60 2.81 15.66
N ILE C 225 19.30 1.75 15.27
CA ILE C 225 18.87 0.85 14.19
C ILE C 225 18.08 -0.38 14.71
N LEU C 226 18.72 -1.22 15.53
CA LEU C 226 18.08 -2.37 16.14
C LEU C 226 16.74 -2.18 16.84
N PRO C 227 16.57 -1.09 17.64
CA PRO C 227 15.23 -1.01 18.23
C PRO C 227 14.16 -0.77 17.17
N GLN C 228 14.57 -0.33 15.98
CA GLN C 228 13.70 -0.21 14.79
C GLN C 228 13.19 -1.56 14.20
N ILE C 229 13.74 -2.69 14.66
CA ILE C 229 13.56 -3.96 14.01
C ILE C 229 12.94 -4.91 14.98
N PRO C 230 11.64 -5.18 14.83
CA PRO C 230 10.97 -5.99 15.83
C PRO C 230 11.71 -7.29 16.07
N VAL C 231 12.24 -7.86 15.00
CA VAL C 231 12.87 -9.18 15.10
C VAL C 231 14.17 -9.11 15.93
N GLY C 232 14.67 -7.89 16.10
CA GLY C 232 15.75 -7.61 17.03
C GLY C 232 17.13 -8.02 16.55
N ARG C 233 17.33 -7.97 15.25
CA ARG C 233 18.64 -8.29 14.69
C ARG C 233 18.67 -7.84 13.24
N LEU C 234 19.89 -7.71 12.72
CA LEU C 234 20.11 -7.53 11.31
C LEU C 234 19.67 -8.81 10.62
N GLY C 235 19.15 -8.66 9.41
CA GLY C 235 18.94 -9.81 8.55
C GLY C 235 20.25 -10.28 7.88
N ARG C 236 20.29 -11.55 7.56
CA ARG C 236 21.44 -12.13 6.92
C ARG C 236 21.29 -11.95 5.40
N PRO C 237 22.37 -11.55 4.73
CA PRO C 237 22.36 -11.51 3.26
C PRO C 237 21.79 -12.77 2.63
N ASP C 238 22.19 -13.93 3.15
CA ASP C 238 21.71 -15.22 2.69
C ASP C 238 20.18 -15.42 2.84
N GLU C 239 19.58 -14.88 3.87
CA GLU C 239 18.12 -14.91 3.96
C GLU C 239 17.46 -14.20 2.77
N VAL C 240 17.87 -12.98 2.52
CA VAL C 240 17.38 -12.27 1.34
C VAL C 240 17.70 -13.05 0.06
N ALA C 241 18.90 -13.64 0.00
CA ALA C 241 19.29 -14.48 -1.16
C ALA C 241 18.28 -15.63 -1.33
N ALA C 242 17.87 -16.25 -0.22
CA ALA C 242 16.92 -17.38 -0.27
C ALA C 242 15.63 -16.96 -0.92
N LEU C 243 15.08 -15.82 -0.53
CA LEU C 243 13.83 -15.34 -1.11
C LEU C 243 13.98 -15.06 -2.59
N ILE C 244 15.11 -14.47 -2.94
CA ILE C 244 15.38 -14.20 -4.34
C ILE C 244 15.45 -15.53 -5.16
N ALA C 245 16.17 -16.52 -4.66
CA ALA C 245 16.25 -17.80 -5.32
C ALA C 245 14.84 -18.29 -5.59
N PHE C 246 13.95 -18.20 -4.57
CA PHE C 246 12.61 -18.64 -4.80
C PHE C 246 11.94 -17.88 -5.93
N LEU C 247 12.13 -16.57 -5.98
CA LEU C 247 11.42 -15.77 -6.99
C LEU C 247 11.89 -16.13 -8.39
N CYS C 248 13.10 -16.64 -8.51
CA CYS C 248 13.69 -16.90 -9.82
C CYS C 248 13.44 -18.36 -10.28
N SER C 249 12.90 -19.18 -9.37
CA SER C 249 12.57 -20.56 -9.64
C SER C 249 11.29 -20.63 -10.47
N ASP C 250 10.99 -21.85 -10.90
CA ASP C 250 9.85 -22.12 -11.77
C ASP C 250 8.59 -22.12 -10.96
N ASP C 251 8.71 -22.02 -9.65
CA ASP C 251 7.52 -22.02 -8.83
C ASP C 251 6.95 -20.62 -8.60
N ALA C 252 7.60 -19.58 -9.15
CA ALA C 252 7.18 -18.20 -8.82
C ALA C 252 6.68 -17.41 -10.01
N GLY C 253 6.20 -18.13 -11.01
CA GLY C 253 5.64 -17.54 -12.22
C GLY C 253 4.35 -16.76 -12.07
N PHE C 254 3.68 -16.90 -10.94
CA PHE C 254 2.45 -16.17 -10.68
C PHE C 254 2.68 -14.94 -9.77
N VAL C 255 3.93 -14.68 -9.41
CA VAL C 255 4.29 -13.45 -8.68
C VAL C 255 4.86 -12.48 -9.65
N THR C 256 4.10 -11.47 -10.03
CA THR C 256 4.65 -10.36 -10.79
C THR C 256 4.12 -8.97 -10.35
N GLY C 257 5.01 -7.98 -10.37
CA GLY C 257 4.67 -6.60 -10.07
C GLY C 257 4.49 -6.42 -8.57
N ALA C 258 5.15 -7.28 -7.79
CA ALA C 258 4.96 -7.35 -6.35
C ALA C 258 6.17 -6.75 -5.68
N ASP C 259 5.99 -6.24 -4.47
CA ASP C 259 7.09 -5.83 -3.62
C ASP C 259 7.23 -6.84 -2.52
N LEU C 260 8.27 -7.64 -2.54
CA LEU C 260 8.49 -8.54 -1.45
C LEU C 260 9.32 -7.89 -0.37
N ALA C 261 8.70 -7.67 0.79
CA ALA C 261 9.36 -7.02 1.91
C ALA C 261 10.02 -8.05 2.82
N ILE C 262 11.29 -7.85 3.08
CA ILE C 262 11.98 -8.79 3.99
C ILE C 262 12.81 -7.95 4.97
N ASN C 263 12.15 -7.41 6.00
CA ASN C 263 12.78 -6.38 6.81
C ASN C 263 12.82 -6.62 8.32
N GLY C 264 12.56 -7.83 8.79
CA GLY C 264 12.55 -8.11 10.22
C GLY C 264 11.35 -7.46 10.93
N GLY C 265 10.37 -7.03 10.14
CA GLY C 265 9.17 -6.42 10.65
C GLY C 265 9.38 -4.91 10.83
N MET C 266 10.53 -4.42 10.35
CA MET C 266 10.85 -3.01 10.53
C MET C 266 9.82 -2.14 9.85
N HIS C 267 9.20 -2.63 8.76
CA HIS C 267 8.09 -1.91 8.15
C HIS C 267 6.94 -2.85 7.75
N MET C 268 5.70 -2.39 8.01
CA MET C 268 4.44 -3.10 7.69
C MET C 268 3.48 -2.11 7.08
N SER C 269 2.44 -2.58 6.43
CA SER C 269 1.87 -1.94 5.23
C SER C 269 2.31 -0.54 4.87
N ALA D 24 2.03 38.14 7.36
CA ALA D 24 2.00 38.59 5.98
C ALA D 24 0.82 37.96 5.22
N LYS D 25 0.99 37.86 3.90
CA LYS D 25 0.06 37.11 3.07
C LYS D 25 0.69 35.81 2.54
N ARG D 26 -0.10 34.75 2.50
CA ARG D 26 0.45 33.44 2.14
C ARG D 26 0.85 33.35 0.66
N VAL D 27 2.10 32.98 0.40
CA VAL D 27 2.61 32.97 -0.97
C VAL D 27 2.83 31.54 -1.54
N ALA D 28 2.16 31.27 -2.66
CA ALA D 28 2.26 29.93 -3.32
C ALA D 28 3.01 29.97 -4.67
N PHE D 29 3.94 29.01 -4.86
CA PHE D 29 4.71 28.78 -6.11
C PHE D 29 4.26 27.47 -6.76
N VAL D 30 3.48 27.57 -7.82
CA VAL D 30 3.02 26.38 -8.55
C VAL D 30 3.85 26.16 -9.81
N THR D 31 4.87 25.28 -9.77
CA THR D 31 5.57 24.88 -11.01
C THR D 31 4.57 24.35 -12.03
N GLY D 32 4.75 24.66 -13.30
CA GLY D 32 3.85 24.20 -14.34
C GLY D 32 2.47 24.80 -14.14
N GLY D 33 2.47 25.98 -13.53
CA GLY D 33 1.27 26.64 -13.05
C GLY D 33 0.26 27.08 -14.07
N MET D 34 0.60 27.00 -15.34
CA MET D 34 -0.33 27.45 -16.35
C MET D 34 -0.87 26.27 -17.12
N GLY D 35 -0.42 25.05 -16.77
CA GLY D 35 -0.80 23.84 -17.48
C GLY D 35 -2.19 23.50 -17.01
N GLY D 36 -2.79 22.45 -17.55
CA GLY D 36 -4.14 22.06 -17.22
C GLY D 36 -4.38 21.98 -15.73
N LEU D 37 -3.67 21.07 -15.08
CA LEU D 37 -3.75 20.95 -13.64
C LEU D 37 -3.16 22.15 -12.88
N GLY D 38 -1.98 22.59 -13.33
CA GLY D 38 -1.32 23.74 -12.77
C GLY D 38 -2.22 24.97 -12.72
N ALA D 39 -2.92 25.25 -13.83
CA ALA D 39 -3.86 26.37 -13.90
C ALA D 39 -4.96 26.25 -12.86
N ALA D 40 -5.63 25.11 -12.89
CA ALA D 40 -6.71 24.83 -11.95
C ALA D 40 -6.22 25.00 -10.52
N ILE D 41 -5.02 24.53 -10.25
CA ILE D 41 -4.43 24.64 -8.93
C ILE D 41 -4.15 26.11 -8.52
N SER D 42 -3.53 26.85 -9.43
CA SER D 42 -3.13 28.20 -9.15
C SER D 42 -4.39 29.03 -8.80
N ARG D 43 -5.52 28.75 -9.46
CA ARG D 43 -6.74 29.49 -9.28
C ARG D 43 -7.38 29.24 -7.91
N ARG D 44 -7.24 28.03 -7.38
CA ARG D 44 -7.80 27.63 -6.11
C ARG D 44 -6.95 28.16 -4.96
N LEU D 45 -5.62 28.15 -5.11
CA LEU D 45 -4.74 28.67 -4.05
C LEU D 45 -4.96 30.21 -3.99
N HIS D 46 -5.26 30.81 -5.16
CA HIS D 46 -5.49 32.24 -5.26
C HIS D 46 -6.79 32.59 -4.50
N ASP D 47 -7.86 31.86 -4.83
CA ASP D 47 -9.17 32.07 -4.27
C ASP D 47 -9.26 31.75 -2.81
N ALA D 48 -8.27 31.02 -2.32
CA ALA D 48 -8.06 30.77 -0.90
C ALA D 48 -7.33 31.89 -0.14
N GLY D 49 -7.07 33.03 -0.78
CA GLY D 49 -6.30 34.12 -0.14
C GLY D 49 -4.78 34.06 -0.25
N MET D 50 -4.27 33.29 -1.23
CA MET D 50 -2.83 33.17 -1.41
C MET D 50 -2.39 34.02 -2.56
N ALA D 51 -1.19 34.59 -2.48
CA ALA D 51 -0.62 35.28 -3.62
C ALA D 51 0.18 34.26 -4.44
N VAL D 52 -0.26 33.97 -5.67
CA VAL D 52 0.33 32.87 -6.43
C VAL D 52 1.27 33.27 -7.59
N ALA D 53 2.50 32.78 -7.52
CA ALA D 53 3.44 32.79 -8.66
C ALA D 53 3.33 31.46 -9.41
N VAL D 54 3.32 31.53 -10.75
CA VAL D 54 3.25 30.34 -11.62
C VAL D 54 4.54 30.18 -12.44
N SER D 55 5.16 29.02 -12.37
CA SER D 55 6.35 28.78 -13.19
C SER D 55 6.01 28.26 -14.59
N HIS D 56 6.89 28.53 -15.55
CA HIS D 56 6.77 27.99 -16.91
C HIS D 56 8.10 27.71 -17.57
N SER D 57 8.01 26.94 -18.64
CA SER D 57 9.07 26.73 -19.60
C SER D 57 8.69 27.47 -20.88
N VAL D 63 2.25 32.50 -22.46
CA VAL D 63 2.53 33.05 -21.14
C VAL D 63 1.79 34.35 -20.99
N SER D 64 2.25 35.35 -21.73
CA SER D 64 1.55 36.62 -21.78
C SER D 64 0.05 36.46 -21.98
N THR D 65 -0.37 35.63 -22.93
CA THR D 65 -1.80 35.53 -23.21
C THR D 65 -2.53 34.88 -22.02
N TRP D 66 -1.93 33.85 -21.45
CA TRP D 66 -2.56 33.13 -20.35
C TRP D 66 -2.78 34.12 -19.20
N LEU D 67 -1.72 34.87 -18.88
CA LEU D 67 -1.74 35.91 -17.85
C LEU D 67 -2.84 36.99 -18.11
N MET D 68 -3.06 37.31 -19.38
CA MET D 68 -4.12 38.24 -19.73
C MET D 68 -5.48 37.63 -19.39
N HIS D 69 -5.75 36.42 -19.87
CA HIS D 69 -7.04 35.76 -19.63
C HIS D 69 -7.28 35.61 -18.14
N GLU D 70 -6.21 35.65 -17.36
CA GLU D 70 -6.29 35.36 -15.95
C GLU D 70 -6.57 36.60 -15.10
N ARG D 71 -5.76 37.64 -15.23
CA ARG D 71 -6.09 38.96 -14.69
C ARG D 71 -7.48 39.31 -15.15
N ASP D 72 -7.71 39.17 -16.45
CA ASP D 72 -9.04 39.35 -17.00
C ASP D 72 -9.98 38.53 -16.13
N ALA D 73 -9.64 37.28 -15.92
CA ALA D 73 -10.52 36.34 -15.22
C ALA D 73 -10.94 36.91 -13.87
N GLY D 74 -10.01 37.59 -13.21
CA GLY D 74 -10.24 38.10 -11.89
C GLY D 74 -9.01 37.93 -11.02
N ARG D 75 -7.95 37.35 -11.56
CA ARG D 75 -6.79 37.07 -10.74
C ARG D 75 -5.48 37.65 -11.27
N ASP D 76 -4.54 37.85 -10.36
CA ASP D 76 -3.23 38.38 -10.69
C ASP D 76 -2.15 37.39 -10.34
N PHE D 77 -1.57 36.78 -11.38
CA PHE D 77 -0.48 35.82 -11.19
C PHE D 77 0.81 36.47 -11.65
N LYS D 78 1.92 36.12 -11.02
CA LYS D 78 3.23 36.44 -11.59
C LYS D 78 3.85 35.15 -12.19
N ALA D 79 4.15 35.16 -13.49
CA ALA D 79 4.85 34.06 -14.19
C ALA D 79 6.37 34.21 -14.19
N TYR D 80 7.06 33.11 -13.92
CA TYR D 80 8.50 33.00 -14.12
C TYR D 80 8.84 31.87 -15.10
N ALA D 81 9.86 32.08 -15.94
CA ALA D 81 10.43 31.01 -16.75
C ALA D 81 11.37 30.20 -15.89
N VAL D 82 11.42 28.89 -16.15
CA VAL D 82 12.32 27.97 -15.46
C VAL D 82 12.40 26.65 -16.24
N ASP D 83 13.49 25.94 -15.99
CA ASP D 83 13.66 24.59 -16.45
C ASP D 83 13.90 23.81 -15.17
N VAL D 84 12.84 23.16 -14.64
CA VAL D 84 12.93 22.50 -13.36
C VAL D 84 13.90 21.31 -13.40
N ALA D 85 14.31 20.92 -14.61
CA ALA D 85 15.31 19.87 -14.73
C ALA D 85 16.65 20.41 -14.38
N ASP D 86 16.78 21.73 -14.47
CA ASP D 86 18.08 22.37 -14.38
C ASP D 86 18.10 23.20 -13.11
N PHE D 87 18.97 22.76 -12.19
CA PHE D 87 19.10 23.32 -10.85
C PHE D 87 19.33 24.81 -10.93
N GLU D 88 20.42 25.18 -11.58
CA GLU D 88 20.76 26.58 -11.88
C GLU D 88 19.55 27.41 -12.33
N SER D 89 18.79 26.91 -13.31
CA SER D 89 17.61 27.59 -13.79
C SER D 89 16.67 27.79 -12.64
N CYS D 90 16.52 26.74 -11.83
CA CYS D 90 15.65 26.81 -10.65
C CYS D 90 16.16 27.91 -9.71
N GLU D 91 17.44 27.88 -9.37
CA GLU D 91 17.96 28.79 -8.35
C GLU D 91 17.85 30.24 -8.81
N ARG D 92 18.05 30.47 -10.09
CA ARG D 92 17.88 31.80 -10.64
C ARG D 92 16.42 32.24 -10.50
N CYS D 93 15.53 31.28 -10.70
CA CYS D 93 14.11 31.56 -10.80
C CYS D 93 13.58 31.92 -9.42
N ALA D 94 14.02 31.15 -8.43
CA ALA D 94 13.67 31.41 -7.03
C ALA D 94 14.04 32.85 -6.63
N GLU D 95 15.18 33.32 -7.14
CA GLU D 95 15.67 34.67 -6.84
C GLU D 95 14.69 35.72 -7.32
N LYS D 96 14.24 35.65 -8.56
CA LYS D 96 13.19 36.54 -9.02
C LYS D 96 11.94 36.40 -8.12
N VAL D 97 11.44 35.15 -7.93
CA VAL D 97 10.20 34.89 -7.17
C VAL D 97 10.27 35.56 -5.81
N LEU D 98 11.26 35.17 -5.02
CA LEU D 98 11.50 35.73 -3.71
C LEU D 98 11.77 37.25 -3.75
N ALA D 99 12.62 37.73 -4.65
CA ALA D 99 12.81 39.18 -4.79
C ALA D 99 11.42 39.79 -4.83
N ASP D 100 10.49 39.17 -5.54
CA ASP D 100 9.19 39.78 -5.74
C ASP D 100 8.21 39.59 -4.57
N PHE D 101 8.27 38.45 -3.86
CA PHE D 101 7.25 38.11 -2.87
C PHE D 101 7.75 38.03 -1.46
N GLY D 102 9.04 37.96 -1.25
CA GLY D 102 9.51 37.90 0.13
C GLY D 102 9.74 36.48 0.58
N LYS D 103 8.83 35.60 0.18
CA LYS D 103 8.82 34.24 0.71
C LYS D 103 8.13 33.25 -0.20
N VAL D 104 8.36 32.00 0.09
CA VAL D 104 7.46 30.97 -0.41
C VAL D 104 6.96 30.09 0.74
N ASP D 105 5.65 30.11 0.96
CA ASP D 105 4.98 29.34 2.02
C ASP D 105 4.50 27.96 1.51
N VAL D 106 3.94 28.00 0.29
CA VAL D 106 3.31 26.89 -0.38
C VAL D 106 4.02 26.50 -1.72
N LEU D 107 4.61 25.31 -1.78
CA LEU D 107 5.19 24.83 -3.06
C LEU D 107 4.43 23.62 -3.61
N ILE D 108 3.86 23.80 -4.81
CA ILE D 108 3.24 22.76 -5.62
C ILE D 108 4.18 22.35 -6.78
N ASN D 109 4.95 21.30 -6.56
CA ASN D 109 5.70 20.59 -7.64
C ASN D 109 4.76 19.85 -8.61
N ASN D 110 4.15 20.59 -9.52
CA ASN D 110 3.18 20.07 -10.44
C ASN D 110 3.79 19.79 -11.83
N ALA D 111 4.83 20.51 -12.24
CA ALA D 111 5.37 20.31 -13.60
C ALA D 111 5.83 18.86 -13.83
N GLY D 112 5.41 18.33 -14.97
CA GLY D 112 5.83 17.01 -15.38
C GLY D 112 5.55 16.83 -16.87
N ILE D 113 6.21 15.84 -17.47
CA ILE D 113 5.96 15.43 -18.88
C ILE D 113 5.95 13.92 -18.97
N THR D 114 5.38 13.42 -20.07
CA THR D 114 5.56 12.03 -20.45
C THR D 114 6.35 11.96 -21.76
N ARG D 115 7.08 10.85 -21.91
CA ARG D 115 7.69 10.44 -23.17
C ARG D 115 7.47 8.93 -23.32
N ASP D 116 6.32 8.56 -23.85
CA ASP D 116 5.81 7.21 -23.68
C ASP D 116 6.48 6.32 -24.73
N ALA D 117 6.58 5.02 -24.43
CA ALA D 117 7.17 4.04 -25.36
C ALA D 117 7.19 2.79 -24.55
N THR D 118 7.01 1.65 -25.21
CA THR D 118 7.30 0.37 -24.59
C THR D 118 8.75 0.33 -24.10
N PHE D 119 9.04 -0.46 -23.09
CA PHE D 119 10.39 -0.55 -22.61
C PHE D 119 11.36 -0.96 -23.75
N MET D 120 11.03 -2.03 -24.47
CA MET D 120 11.84 -2.51 -25.59
C MET D 120 12.18 -1.36 -26.53
N LYS D 121 11.21 -0.47 -26.78
CA LYS D 121 11.42 0.61 -27.75
C LYS D 121 11.90 1.96 -27.16
N MET D 122 12.01 2.02 -25.83
CA MET D 122 12.25 3.27 -25.15
C MET D 122 13.73 3.66 -25.30
N THR D 123 13.96 4.91 -25.62
CA THR D 123 15.30 5.37 -25.91
C THR D 123 15.89 5.98 -24.67
N LYS D 124 17.21 6.21 -24.67
CA LYS D 124 17.86 6.86 -23.51
C LYS D 124 17.28 8.21 -23.27
N GLY D 125 16.79 8.84 -24.34
CA GLY D 125 16.26 10.20 -24.27
C GLY D 125 14.85 10.33 -23.68
N ASP D 126 13.98 9.39 -24.07
CA ASP D 126 12.67 9.21 -23.44
C ASP D 126 12.89 9.09 -21.93
N TRP D 127 13.78 8.18 -21.53
CA TRP D 127 13.99 7.87 -20.12
C TRP D 127 14.50 9.10 -19.41
N ASP D 128 15.54 9.67 -20.00
CA ASP D 128 16.20 10.75 -19.36
C ASP D 128 15.40 12.05 -19.24
N ALA D 129 14.63 12.40 -20.27
CA ALA D 129 13.85 13.63 -20.23
C ALA D 129 12.84 13.56 -19.10
N VAL D 130 12.33 12.38 -18.86
CA VAL D 130 11.33 12.22 -17.84
C VAL D 130 11.98 12.25 -16.46
N MET D 131 13.10 11.55 -16.23
CA MET D 131 13.70 11.59 -14.89
C MET D 131 14.03 13.04 -14.46
N ARG D 132 14.75 13.77 -15.31
CA ARG D 132 15.19 15.12 -15.00
C ARG D 132 14.03 16.03 -14.67
N THR D 133 12.99 15.97 -15.48
CA THR D 133 11.96 16.97 -15.34
C THR D 133 10.97 16.62 -14.24
N ASP D 134 10.67 15.33 -14.15
CA ASP D 134 9.60 14.82 -13.33
C ASP D 134 10.07 14.47 -11.94
N LEU D 135 11.31 14.00 -11.83
CA LEU D 135 11.78 13.53 -10.53
C LEU D 135 12.94 14.37 -9.95
N ASP D 136 13.90 14.76 -10.79
CA ASP D 136 14.90 15.71 -10.38
C ASP D 136 14.30 17.08 -9.97
N ALA D 137 13.29 17.56 -10.70
CA ALA D 137 12.49 18.70 -10.24
C ALA D 137 12.27 18.65 -8.74
N MET D 138 11.96 17.47 -8.17
CA MET D 138 11.76 17.44 -6.72
C MET D 138 12.95 18.09 -5.96
N PHE D 139 14.17 17.74 -6.30
CA PHE D 139 15.33 18.28 -5.58
C PHE D 139 15.61 19.72 -5.98
N ASN D 140 15.61 19.94 -7.29
CA ASN D 140 16.00 21.25 -7.85
C ASN D 140 15.12 22.37 -7.31
N VAL D 141 13.81 22.26 -7.57
CA VAL D 141 12.87 23.29 -7.15
C VAL D 141 12.84 23.41 -5.63
N THR D 142 12.72 22.29 -4.94
CA THR D 142 12.51 22.28 -3.48
C THR D 142 13.69 22.82 -2.69
N LYS D 143 14.87 22.62 -3.25
CA LYS D 143 16.12 23.09 -2.65
C LYS D 143 16.11 24.59 -2.44
N GLN D 144 15.45 25.29 -3.36
CA GLN D 144 15.38 26.74 -3.36
C GLN D 144 14.59 27.36 -2.19
N PHE D 145 13.58 26.65 -1.71
CA PHE D 145 12.59 27.22 -0.80
C PHE D 145 12.55 26.59 0.58
N ILE D 146 13.20 25.46 0.75
CA ILE D 146 13.10 24.77 2.01
C ILE D 146 13.65 25.63 3.15
N ALA D 147 14.65 26.45 2.85
CA ALA D 147 15.38 27.22 3.86
C ALA D 147 14.45 28.16 4.64
N GLY D 148 13.62 28.89 3.89
CA GLY D 148 12.75 29.91 4.45
C GLY D 148 11.53 29.33 5.14
N MET D 149 11.08 28.16 4.69
CA MET D 149 9.97 27.46 5.30
C MET D 149 10.41 27.02 6.66
N VAL D 150 11.61 26.47 6.77
CA VAL D 150 12.12 26.09 8.09
C VAL D 150 12.35 27.33 9.00
N GLU D 151 12.99 28.38 8.48
CA GLU D 151 13.17 29.63 9.26
C GLU D 151 11.80 30.15 9.76
N ARG D 152 10.82 30.22 8.85
CA ARG D 152 9.51 30.74 9.20
C ARG D 152 8.59 29.68 9.85
N ARG D 153 9.16 28.50 10.19
CA ARG D 153 8.40 27.35 10.77
C ARG D 153 7.06 27.13 10.09
N PHE D 154 7.00 27.21 8.78
CA PHE D 154 5.77 26.89 8.08
C PHE D 154 6.02 26.53 6.64
N GLY D 155 5.31 25.51 6.14
CA GLY D 155 5.33 25.25 4.71
C GLY D 155 4.36 24.14 4.29
N ARG D 156 3.89 24.21 3.05
CA ARG D 156 3.06 23.18 2.44
C ARG D 156 3.74 22.80 1.14
N ILE D 157 4.38 21.61 1.13
CA ILE D 157 4.98 21.09 -0.09
C ILE D 157 4.08 19.94 -0.55
N VAL D 158 3.55 20.11 -1.75
CA VAL D 158 2.66 19.15 -2.32
C VAL D 158 3.22 18.69 -3.69
N ASN D 159 3.72 17.45 -3.72
CA ASN D 159 4.28 16.84 -4.94
C ASN D 159 3.21 16.09 -5.70
N ILE D 160 3.09 16.37 -6.99
CA ILE D 160 2.10 15.73 -7.80
C ILE D 160 2.67 14.41 -8.34
N GLY D 161 2.05 13.33 -7.89
CA GLY D 161 2.34 11.99 -8.39
C GLY D 161 1.35 11.71 -9.51
N SER D 162 0.87 10.48 -9.51
CA SER D 162 0.04 9.91 -10.60
C SER D 162 -0.44 8.51 -10.18
N VAL D 163 -1.66 8.18 -10.54
CA VAL D 163 -2.14 6.84 -10.32
C VAL D 163 -1.25 5.83 -11.09
N ASN D 164 -0.56 6.32 -12.13
CA ASN D 164 0.34 5.49 -12.92
C ASN D 164 1.68 5.14 -12.25
N GLY D 165 2.06 5.89 -11.21
CA GLY D 165 3.10 5.47 -10.31
C GLY D 165 2.58 4.44 -9.31
N SER D 166 1.33 4.60 -8.90
CA SER D 166 0.78 3.65 -7.94
C SER D 166 0.61 2.22 -8.50
N ARG D 167 0.00 2.10 -9.66
CA ARG D 167 -0.33 0.76 -10.16
C ARG D 167 0.60 0.37 -11.31
N GLY D 168 1.37 1.32 -11.85
CA GLY D 168 2.20 1.04 -13.03
C GLY D 168 1.39 1.21 -14.30
N ALA D 169 2.04 1.47 -15.44
CA ALA D 169 1.27 1.64 -16.65
C ALA D 169 2.08 1.32 -17.92
N PHE D 170 1.42 0.55 -18.79
CA PHE D 170 1.96 0.18 -20.06
C PHE D 170 2.42 1.40 -20.88
N GLY D 171 3.58 1.28 -21.49
CA GLY D 171 4.17 2.36 -22.25
C GLY D 171 4.83 3.45 -21.42
N GLN D 172 5.02 3.25 -20.11
CA GLN D 172 5.52 4.37 -19.29
C GLN D 172 6.43 4.00 -18.13
N ALA D 173 7.30 3.03 -18.33
CA ALA D 173 8.34 2.71 -17.36
C ALA D 173 9.07 3.97 -16.78
N ASN D 174 9.38 4.95 -17.64
CA ASN D 174 9.99 6.20 -17.18
C ASN D 174 9.07 7.01 -16.28
N TYR D 175 7.88 7.30 -16.76
CA TYR D 175 6.89 8.05 -16.00
C TYR D 175 6.55 7.45 -14.64
N ALA D 176 6.38 6.14 -14.61
CA ALA D 176 5.86 5.48 -13.42
C ALA D 176 6.99 5.38 -12.43
N SER D 177 8.22 5.36 -12.95
CA SER D 177 9.42 5.27 -12.12
C SER D 177 9.66 6.60 -11.47
N ALA D 178 9.39 7.65 -12.22
CA ALA D 178 9.64 9.01 -11.77
C ALA D 178 8.56 9.36 -10.71
N LYS D 179 7.30 9.08 -11.04
CA LYS D 179 6.16 9.43 -10.20
C LYS D 179 6.16 8.60 -8.92
N ALA D 180 6.61 7.35 -8.99
CA ALA D 180 6.75 6.52 -7.81
C ALA D 180 7.88 7.01 -6.94
N GLY D 181 8.96 7.47 -7.56
CA GLY D 181 10.10 7.96 -6.81
C GLY D 181 9.73 9.24 -6.05
N ILE D 182 8.85 10.03 -6.62
CA ILE D 182 8.39 11.24 -5.94
C ILE D 182 7.89 10.97 -4.51
N HIS D 183 7.20 9.82 -4.31
CA HIS D 183 6.70 9.52 -2.99
C HIS D 183 7.81 9.12 -2.03
N GLY D 184 8.92 8.54 -2.51
CA GLY D 184 10.08 8.34 -1.64
C GLY D 184 10.55 9.73 -1.13
N PHE D 185 10.43 10.71 -2.01
CA PHE D 185 10.91 12.04 -1.69
C PHE D 185 9.92 12.62 -0.66
N THR D 186 8.65 12.60 -1.00
CA THR D 186 7.62 13.05 -0.06
C THR D 186 7.87 12.48 1.32
N LYS D 187 8.05 11.17 1.39
CA LYS D 187 8.12 10.54 2.68
C LYS D 187 9.36 10.98 3.49
N THR D 188 10.52 11.09 2.84
CA THR D 188 11.76 11.48 3.54
C THR D 188 11.77 12.95 3.93
N LEU D 189 11.23 13.79 3.06
CA LEU D 189 11.20 15.20 3.33
C LEU D 189 10.13 15.57 4.37
N ALA D 190 9.06 14.76 4.51
CA ALA D 190 8.13 14.93 5.58
C ALA D 190 8.82 14.50 6.87
N LEU D 191 9.58 13.42 6.86
CA LEU D 191 10.30 13.02 8.10
C LEU D 191 11.31 14.10 8.60
N GLU D 192 11.95 14.82 7.67
CA GLU D 192 13.03 15.73 8.04
C GLU D 192 12.53 17.14 8.49
N THR D 193 11.39 17.55 7.95
CA THR D 193 10.76 18.83 8.25
C THR D 193 9.63 18.73 9.29
N ALA D 194 9.49 17.57 9.94
CA ALA D 194 8.31 17.23 10.69
C ALA D 194 8.14 18.20 11.86
N LYS D 195 9.22 18.40 12.61
CA LYS D 195 9.19 19.33 13.74
C LYS D 195 9.48 20.79 13.37
N ARG D 196 9.14 21.20 12.15
CA ARG D 196 9.42 22.56 11.68
C ARG D 196 8.20 23.15 11.00
N GLY D 197 7.01 22.61 11.26
CA GLY D 197 5.80 23.29 10.81
C GLY D 197 5.57 23.15 9.33
N ILE D 198 6.30 22.25 8.71
CA ILE D 198 6.18 22.01 7.28
C ILE D 198 5.55 20.64 7.05
N THR D 199 4.60 20.53 6.13
CA THR D 199 4.07 19.23 5.72
C THR D 199 4.44 18.98 4.27
N VAL D 200 4.68 17.71 3.97
CA VAL D 200 5.04 17.25 2.64
C VAL D 200 4.14 16.04 2.26
N ASN D 201 3.34 16.18 1.24
CA ASN D 201 2.50 15.08 0.81
C ASN D 201 2.54 14.96 -0.68
N THR D 202 2.09 13.81 -1.17
CA THR D 202 1.95 13.54 -2.61
C THR D 202 0.45 13.53 -2.85
N VAL D 203 0.02 14.02 -3.98
CA VAL D 203 -1.35 13.83 -4.41
C VAL D 203 -1.30 13.05 -5.73
N SER D 204 -1.99 11.91 -5.81
CA SER D 204 -1.95 11.07 -7.03
C SER D 204 -3.25 11.09 -7.77
N PRO D 205 -3.34 11.90 -8.82
CA PRO D 205 -4.58 11.99 -9.60
C PRO D 205 -4.77 10.82 -10.59
N GLY D 206 -6.01 10.50 -10.93
CA GLY D 206 -6.31 9.58 -12.00
C GLY D 206 -6.48 10.38 -13.26
N TYR D 207 -7.28 9.89 -14.19
CA TYR D 207 -7.42 10.55 -15.47
C TYR D 207 -8.29 11.78 -15.32
N LEU D 208 -7.79 12.90 -15.86
CA LEU D 208 -8.43 14.20 -15.74
C LEU D 208 -8.79 14.79 -17.08
N ALA D 209 -9.75 15.70 -17.03
CA ALA D 209 -10.34 16.28 -18.20
C ALA D 209 -9.54 17.51 -18.61
N THR D 210 -8.22 17.36 -18.73
CA THR D 210 -7.40 18.45 -19.20
C THR D 210 -7.62 18.55 -20.70
N ALA D 211 -7.18 19.65 -21.30
CA ALA D 211 -7.39 19.88 -22.73
C ALA D 211 -6.80 18.76 -23.64
N MET D 212 -5.59 18.31 -23.31
CA MET D 212 -5.06 17.13 -23.98
C MET D 212 -6.08 15.96 -24.03
N VAL D 213 -6.57 15.52 -22.87
CA VAL D 213 -7.39 14.31 -22.79
C VAL D 213 -8.74 14.48 -23.46
N GLU D 214 -9.25 15.70 -23.45
CA GLU D 214 -10.53 15.99 -24.09
C GLU D 214 -10.43 15.95 -25.63
N ALA D 215 -9.22 15.90 -26.18
CA ALA D 215 -9.02 15.79 -27.63
C ALA D 215 -9.28 14.35 -28.15
N VAL D 216 -8.98 13.37 -27.31
CA VAL D 216 -9.33 11.99 -27.58
C VAL D 216 -10.84 11.83 -27.84
N PRO D 217 -11.20 11.35 -29.04
CA PRO D 217 -12.58 11.08 -29.46
C PRO D 217 -13.43 10.39 -28.41
N GLN D 218 -14.64 10.90 -28.25
CA GLN D 218 -15.61 10.32 -27.32
C GLN D 218 -15.54 8.78 -27.33
N ASP D 219 -15.76 8.16 -28.50
CA ASP D 219 -15.81 6.68 -28.62
C ASP D 219 -14.55 5.97 -28.13
N VAL D 220 -13.41 6.60 -28.35
CA VAL D 220 -12.15 6.09 -27.85
C VAL D 220 -12.06 6.15 -26.31
N LEU D 221 -12.40 7.27 -25.69
CA LEU D 221 -12.33 7.23 -24.22
C LEU D 221 -13.46 6.36 -23.59
N GLU D 222 -14.59 6.23 -24.23
CA GLU D 222 -15.60 5.30 -23.71
C GLU D 222 -15.08 3.87 -23.84
N ALA D 223 -14.27 3.61 -24.86
CA ALA D 223 -13.72 2.28 -25.05
C ALA D 223 -12.53 2.01 -24.15
N LYS D 224 -11.57 2.91 -24.10
CA LYS D 224 -10.32 2.61 -23.45
C LYS D 224 -10.15 3.31 -22.08
N ILE D 225 -10.79 4.44 -21.89
CA ILE D 225 -10.53 5.17 -20.65
C ILE D 225 -11.65 4.98 -19.60
N LEU D 226 -12.90 5.33 -19.92
CA LEU D 226 -13.98 5.42 -18.90
C LEU D 226 -14.24 4.10 -18.18
N PRO D 227 -14.05 2.97 -18.87
CA PRO D 227 -14.31 1.68 -18.21
C PRO D 227 -13.29 1.34 -17.12
N GLN D 228 -12.19 2.07 -17.11
CA GLN D 228 -11.18 1.97 -16.06
C GLN D 228 -11.58 2.69 -14.74
N ILE D 229 -12.45 3.70 -14.88
CA ILE D 229 -12.81 4.55 -13.76
C ILE D 229 -14.20 4.19 -13.18
N PRO D 230 -14.25 3.60 -11.99
CA PRO D 230 -15.57 3.18 -11.47
C PRO D 230 -16.59 4.34 -11.47
N VAL D 231 -16.17 5.53 -11.10
CA VAL D 231 -17.05 6.69 -11.16
C VAL D 231 -17.55 7.03 -12.59
N GLY D 232 -16.99 6.43 -13.64
CA GLY D 232 -17.52 6.63 -14.99
C GLY D 232 -17.29 7.99 -15.65
N ARG D 233 -16.35 8.77 -15.13
CA ARG D 233 -16.05 10.05 -15.75
C ARG D 233 -14.62 10.46 -15.45
N LEU D 234 -14.07 11.26 -16.34
CA LEU D 234 -12.85 12.04 -16.08
C LEU D 234 -12.99 12.92 -14.85
N GLY D 235 -11.93 13.04 -14.06
CA GLY D 235 -11.95 13.95 -12.92
C GLY D 235 -11.57 15.36 -13.37
N ARG D 236 -12.26 16.38 -12.95
CA ARG D 236 -11.91 17.76 -13.28
CA ARG D 236 -11.90 17.75 -13.29
C ARG D 236 -10.61 18.16 -12.59
N PRO D 237 -9.80 19.04 -13.24
CA PRO D 237 -8.62 19.51 -12.50
C PRO D 237 -8.98 20.37 -11.30
N ASP D 238 -10.15 21.00 -11.37
CA ASP D 238 -10.62 21.81 -10.28
C ASP D 238 -10.73 21.01 -8.96
N GLU D 239 -11.23 19.79 -9.09
CA GLU D 239 -11.42 18.89 -7.93
C GLU D 239 -10.10 18.60 -7.31
N VAL D 240 -9.12 18.30 -8.15
CA VAL D 240 -7.78 17.97 -7.67
C VAL D 240 -7.21 19.20 -6.99
N ALA D 241 -7.43 20.35 -7.63
CA ALA D 241 -7.05 21.64 -7.07
C ALA D 241 -7.77 21.84 -5.72
N ALA D 242 -9.05 21.44 -5.65
CA ALA D 242 -9.74 21.66 -4.39
C ALA D 242 -9.07 20.85 -3.31
N LEU D 243 -8.82 19.54 -3.55
CA LEU D 243 -8.09 18.72 -2.56
C LEU D 243 -6.78 19.37 -2.16
N ILE D 244 -6.02 19.85 -3.14
CA ILE D 244 -4.73 20.46 -2.82
C ILE D 244 -4.87 21.75 -1.98
N ALA D 245 -5.87 22.58 -2.29
CA ALA D 245 -6.16 23.78 -1.54
C ALA D 245 -6.41 23.42 -0.04
N PHE D 246 -7.13 22.32 0.20
CA PHE D 246 -7.27 21.81 1.54
C PHE D 246 -5.95 21.42 2.19
N LEU D 247 -5.09 20.71 1.47
CA LEU D 247 -3.86 20.23 2.11
C LEU D 247 -2.94 21.36 2.49
N CYS D 248 -3.03 22.46 1.73
CA CYS D 248 -2.17 23.64 1.93
C CYS D 248 -2.67 24.59 3.06
N SER D 249 -3.87 24.32 3.61
CA SER D 249 -4.40 25.07 4.74
C SER D 249 -3.79 24.64 6.09
N ASP D 250 -3.95 25.50 7.10
CA ASP D 250 -3.57 25.23 8.49
C ASP D 250 -4.32 24.01 9.08
N ASP D 251 -5.53 23.78 8.57
CA ASP D 251 -6.33 22.64 9.00
C ASP D 251 -5.69 21.23 8.73
N ALA D 252 -4.71 21.22 7.81
CA ALA D 252 -4.08 19.95 7.35
C ALA D 252 -2.69 19.72 7.95
N GLY D 253 -2.36 20.44 9.01
CA GLY D 253 -1.04 20.32 9.59
C GLY D 253 -0.67 18.92 10.10
N PHE D 254 -1.67 18.05 10.36
CA PHE D 254 -1.45 16.65 10.83
C PHE D 254 -1.41 15.64 9.67
N VAL D 255 -1.65 16.15 8.45
CA VAL D 255 -1.45 15.36 7.26
C VAL D 255 0.00 15.51 6.70
N THR D 256 0.86 14.55 6.96
CA THR D 256 2.19 14.58 6.33
C THR D 256 2.75 13.20 5.95
N GLY D 257 3.50 13.17 4.83
CA GLY D 257 4.08 11.94 4.31
C GLY D 257 3.04 10.99 3.70
N ALA D 258 1.90 11.56 3.30
CA ALA D 258 0.75 10.79 2.84
C ALA D 258 0.70 10.89 1.36
N ASP D 259 0.18 9.85 0.73
CA ASP D 259 -0.15 9.90 -0.67
C ASP D 259 -1.68 9.92 -0.73
N LEU D 260 -2.25 11.02 -1.18
CA LEU D 260 -3.69 11.13 -1.24
C LEU D 260 -4.18 10.79 -2.63
N ALA D 261 -4.97 9.76 -2.77
CA ALA D 261 -5.32 9.26 -4.10
C ALA D 261 -6.64 9.81 -4.55
N ILE D 262 -6.65 10.48 -5.68
CA ILE D 262 -7.88 11.06 -6.12
C ILE D 262 -8.06 10.65 -7.56
N ASN D 263 -8.59 9.44 -7.75
CA ASN D 263 -8.54 8.77 -9.06
C ASN D 263 -9.87 8.18 -9.51
N GLY D 264 -10.95 8.55 -8.86
CA GLY D 264 -12.27 8.14 -9.30
C GLY D 264 -12.55 6.66 -9.03
N GLY D 265 -11.72 6.05 -8.19
CA GLY D 265 -11.84 4.64 -7.90
C GLY D 265 -11.04 3.73 -8.84
N MET D 266 -10.38 4.34 -9.83
CA MET D 266 -9.50 3.66 -10.78
C MET D 266 -8.48 2.78 -10.05
N HIS D 267 -7.90 3.23 -8.94
CA HIS D 267 -6.96 2.34 -8.21
C HIS D 267 -7.20 2.47 -6.70
N MET D 268 -7.17 1.31 -5.99
CA MET D 268 -7.38 1.18 -4.54
C MET D 268 -6.34 0.15 -4.06
N SER D 269 -5.91 0.19 -2.79
CA SER D 269 -4.86 -0.75 -2.33
C SER D 269 -4.86 -1.08 -0.84
P PO4 E . -6.50 5.52 17.45
O1 PO4 E . -5.02 5.33 17.17
O2 PO4 E . -7.36 4.65 16.55
O3 PO4 E . -6.72 5.04 18.88
O4 PO4 E . -6.95 6.91 17.04
P PO4 F . -9.78 -15.64 -4.16
O1 PO4 F . -8.78 -16.78 -4.23
O2 PO4 F . -11.17 -16.12 -4.41
O3 PO4 F . -9.49 -15.15 -2.74
O4 PO4 F . -9.58 -14.59 -5.24
P PO4 G . 19.35 -0.82 3.16
O1 PO4 G . 18.48 -0.44 1.96
O2 PO4 G . 19.58 -2.33 3.17
O3 PO4 G . 20.69 -0.08 3.16
O4 PO4 G . 18.74 -0.32 4.46
P PO4 H . -2.13 11.22 -15.28
O1 PO4 H . -1.88 11.05 -16.76
O2 PO4 H . -2.94 9.99 -14.94
O3 PO4 H . -1.00 11.12 -14.31
O4 PO4 H . -3.08 12.42 -15.14
#